data_8UFH
#
_entry.id   8UFH
#
_cell.length_a   1.00
_cell.length_b   1.00
_cell.length_c   1.00
_cell.angle_alpha   90.00
_cell.angle_beta   90.00
_cell.angle_gamma   90.00
#
_symmetry.space_group_name_H-M   'P 1'
#
loop_
_entity.id
_entity.type
_entity.pdbx_description
1 polymer 'Lipopolysaccharide export system ATP-binding protein LptB'
2 polymer 'Lipopolysaccharide export system permease protein LptF'
3 polymer 'LPS export ABC transporter permease LptG'
4 non-polymer '(2~{R},4~{R},5~{R},6~{R})-2-[(2~{R},4~{R},5~{R},6~{R})-5-[(2~{S},4~{R},5~{R},6~{R})-4-[(2~{R},3~{R},4~{R},5~{S},6~{S})-3-acetamido-6-carboxy-4,5-bis(oxidanyl)oxan-2-yl]oxy-6-[(1~{R})-1,2-bis(oxidanyl)ethyl]-2-carboxy-5-oxidanyl-oxan-2-yl]oxy-6-[(1~{R})-1,2-bis(oxidanyl)ethyl]-2-carboxy-2-[[(2~{R},3~{S},4~{R},5~{R},6~{R})-4-[(3~{S})-3-dodecanoyloxydodecanoyl]oxy-6-[[(2~{R},3~{S},4~{R},5~{R},6~{R})-5-[[(3~{R})-3-heptanoyloxynonanoyl]amino]-3-oxidanyl-4-[(3~{R})-3-oxidanyloctanoyl]oxy-6-phosphonooxy-oxan-2-yl]methoxy]-5-[[(3~{S})-3-[(3~{R})-3-oxidanyldodecanoyl]oxydecanoyl]amino]-3-phosphonooxy-oxan-2-yl]methoxy]oxan-4-yl]oxy-6-[(1~{R})-1,2-bis(oxidanyl)ethyl]-4,5-bis(oxidanyl)oxane-2-carboxylic acid'
5 non-polymer (7S,10S,13S,17P)-10-(4-aminobutyl)-7-(3-aminopropyl)-17-(6-aminopyridin-3-yl)-20-chloro-13-[(1H-indol-3-yl)methyl]-12-methyl-6,7,9,10,12,13,15,16-octahydropyrido[2,3-b][1,5,8,11,14]benzothiatetraazacycloheptadecine-8,11,14(5H)-trione
#
loop_
_entity_poly.entity_id
_entity_poly.type
_entity_poly.pdbx_seq_one_letter_code
_entity_poly.pdbx_strand_id
1 'polypeptide(L)'
;MHHHHHHHMEQIAQQQPQTLCIKHLAKNYSKRWVVKDVSFEMQSGQIVGLLGPNGAGKTTSFYMVVGLVRMDKGEIHLDN
LDLSDLAMHERARKGIGYLPQEASIFRKLTIAENIMAILETRKDLNKQQRQQRLQELLNDFKITHIKDSLGMSVSGGERR
RAEIARALAADPKFMLLDEPFAGVDPISVGDIKDIIRNLKDRGIGVLITDHNVRETLAICEHAYIVSEGAVIAEGSPQDI
LENEQVRKVYLGDDFTV
;
A,B
2 'polypeptide(L)'
;MIIRRYLVKQVVSTSLVVIALLTLIMMGGRLIKYFGVAAQGRLDAGVLFSIIGYRMPEFLTLILPLGFFIGLMLVFGRLY
VDHEMAVLNGSGISRIRLGQLLIPLALVFLVIQGILMLWMTPWGLRQFDQLSSSQAVRTGFDLVRPKEFISSGPYTIYAG
DLSEDRKNLKDIFFYQRAQKEGKPDVMILAKEATRVVMENETANVVDLIQGRRYEIYPGKAKYSQAEFQRYRLRLENDKS
ATFETDKVEALPSSKLWNKWNDPVIASEMGWRVFGPFTIVIALMMAVALCEVSPRQGRYYRLIPAIFIFASLIVLLIAIR
TRISRDELGVWAYPAALAVYGIAAALFSRKQKLAPKIKKQIKRVRA
;
F
3 'polypeptide(L)'
;MLARRIVAKHVTKTTALAMLGTTIVLVILQVLFTYLGELSNLKADYSAWQAFLYVLWGAPRYLYEILPISALIGAILGLG
TLASNSELIVMRSVGISLWRIVGWVIRSALVLVLLSFALSEWVVPYTNERANSVKSHQSVAALGEVRGYWSREGQRFIYV
DYANSQGQLKRIQVVDFDDNYRLKSVTNAEQGQFVKDGQWLLNHSQQMAIQGQGDAVLANAAKQPFSLALQPKYVHMVTI
DPEDLSFSQLVSFMNYMREYSQVPKTYQLAFWKKVASPFALITLVLVACSFIFGPLRQQSMGFRLVIALFIGLGFYYLQD
FLGYASLVYNPSPAWFVLGPIVLMFVAGSYLLYRAR
;
G
#
loop_
_chem_comp.id
_chem_comp.type
_chem_comp.name
_chem_comp.formula
WJW non-polymer '(2~{R},4~{R},5~{R},6~{R})-2-[(2~{R},4~{R},5~{R},6~{R})-5-[(2~{S},4~{R},5~{R},6~{R})-4-[(2~{R},3~{R},4~{R},5~{S},6~{S})-3-acetamido-6-carboxy-4,5-bis(oxidanyl)oxan-2-yl]oxy-6-[(1~{R})-1,2-bis(oxidanyl)ethyl]-2-carboxy-5-oxidanyl-oxan-2-yl]oxy-6-[(1~{R})-1,2-bis(oxidanyl)ethyl]-2-carboxy-2-[[(2~{R},3~{S},4~{R},5~{R},6~{R})-4-[(3~{S})-3-dodecanoyloxydodecanoyl]oxy-6-[[(2~{R},3~{S},4~{R},5~{R},6~{R})-5-[[(3~{R})-3-heptanoyloxynonanoyl]amino]-3-oxidanyl-4-[(3~{R})-3-oxidanyloctanoyl]oxy-6-phosphonooxy-oxan-2-yl]methoxy]-5-[[(3~{S})-3-[(3~{R})-3-oxidanyldodecanoyl]oxydecanoyl]amino]-3-phosphonooxy-oxan-2-yl]methoxy]oxan-4-yl]oxy-6-[(1~{R})-1,2-bis(oxidanyl)ethyl]-4,5-bis(oxidanyl)oxane-2-carboxylic acid' 'C114 H199 N3 O54 P2'
Y75 non-polymer (7S,10S,13S,17P)-10-(4-aminobutyl)-7-(3-aminopropyl)-17-(6-aminopyridin-3-yl)-20-chloro-13-[(1H-indol-3-yl)methyl]-12-methyl-6,7,9,10,12,13,15,16-octahydropyrido[2,3-b][1,5,8,11,14]benzothiatetraazacycloheptadecine-8,11,14(5H)-trione 'C41 H49 Cl N10 O3 S'
#
# COMPACT_ATOMS: atom_id res chain seq x y z
N GLN A 18 -2.28 11.49 47.88
CA GLN A 18 -3.21 11.74 46.78
C GLN A 18 -4.02 10.48 46.48
N THR A 19 -5.29 10.66 46.11
CA THR A 19 -6.20 9.54 45.90
C THR A 19 -6.94 9.75 44.58
N LEU A 20 -6.62 8.92 43.59
CA LEU A 20 -7.34 8.90 42.33
C LEU A 20 -8.57 8.01 42.49
N CYS A 21 -9.76 8.61 42.44
CA CYS A 21 -11.01 7.90 42.59
C CYS A 21 -11.79 7.97 41.29
N ILE A 22 -12.18 6.81 40.76
CA ILE A 22 -12.86 6.73 39.48
C ILE A 22 -14.22 6.12 39.72
N LYS A 23 -15.28 6.79 39.27
CA LYS A 23 -16.65 6.42 39.59
C LYS A 23 -17.47 6.19 38.32
N HIS A 24 -18.17 5.05 38.28
CA HIS A 24 -19.24 4.78 37.33
C HIS A 24 -18.75 4.83 35.88
N LEU A 25 -17.58 4.26 35.61
CA LEU A 25 -17.13 4.12 34.24
C LEU A 25 -18.09 3.26 33.44
N ALA A 26 -18.41 3.70 32.23
CA ALA A 26 -19.25 2.95 31.31
C ALA A 26 -18.87 3.34 29.90
N LYS A 27 -18.91 2.35 28.99
CA LYS A 27 -18.49 2.57 27.61
C LYS A 27 -19.14 1.52 26.73
N ASN A 28 -19.59 1.92 25.55
CA ASN A 28 -20.20 1.02 24.59
C ASN A 28 -19.39 0.98 23.30
N TYR A 29 -19.37 -0.18 22.66
CA TYR A 29 -18.66 -0.38 21.40
C TYR A 29 -19.54 -1.17 20.46
N SER A 30 -19.92 -0.56 19.34
CA SER A 30 -20.80 -1.18 18.36
C SER A 30 -22.09 -1.67 19.02
N LYS A 31 -22.74 -0.77 19.76
CA LYS A 31 -24.00 -1.02 20.45
C LYS A 31 -23.89 -2.10 21.52
N ARG A 32 -22.69 -2.35 22.04
CA ARG A 32 -22.47 -3.33 23.08
C ARG A 32 -21.77 -2.65 24.26
N TRP A 33 -22.39 -2.73 25.44
CA TRP A 33 -21.85 -2.08 26.64
C TRP A 33 -20.68 -2.92 27.15
N VAL A 34 -19.47 -2.57 26.69
CA VAL A 34 -18.28 -3.29 27.11
C VAL A 34 -18.02 -3.10 28.60
N VAL A 35 -18.17 -1.86 29.09
CA VAL A 35 -17.93 -1.52 30.48
C VAL A 35 -19.21 -0.93 31.05
N LYS A 36 -19.62 -1.42 32.23
CA LYS A 36 -20.84 -0.97 32.89
C LYS A 36 -20.54 -0.76 34.38
N ASP A 37 -20.49 0.50 34.81
CA ASP A 37 -20.37 0.85 36.22
C ASP A 37 -19.11 0.25 36.85
N VAL A 38 -17.96 0.70 36.37
CA VAL A 38 -16.66 0.31 36.91
C VAL A 38 -16.11 1.46 37.74
N SER A 39 -15.90 1.21 39.03
CA SER A 39 -15.42 2.24 39.95
C SER A 39 -14.36 1.66 40.87
N PHE A 40 -13.30 2.44 41.12
CA PHE A 40 -12.26 2.00 42.05
C PHE A 40 -11.45 3.20 42.52
N GLU A 41 -10.78 3.03 43.64
CA GLU A 41 -9.97 4.06 44.26
C GLU A 41 -8.54 3.57 44.43
N MET A 42 -7.58 4.46 44.16
CA MET A 42 -6.17 4.11 44.29
C MET A 42 -5.42 5.29 44.91
N GLN A 43 -4.75 5.06 46.03
CA GLN A 43 -4.01 6.12 46.69
C GLN A 43 -2.57 6.16 46.19
N SER A 44 -1.92 7.29 46.43
CA SER A 44 -0.51 7.44 46.06
C SER A 44 0.35 6.50 46.90
N GLY A 45 1.37 5.93 46.25
CA GLY A 45 2.21 4.94 46.92
C GLY A 45 1.58 3.59 47.07
N GLN A 46 0.48 3.32 46.36
CA GLN A 46 -0.25 2.06 46.46
C GLN A 46 -0.27 1.38 45.10
N ILE A 47 0.00 0.07 45.09
CA ILE A 47 -0.03 -0.73 43.88
C ILE A 47 -1.40 -1.39 43.80
N VAL A 48 -2.17 -1.04 42.77
CA VAL A 48 -3.52 -1.54 42.59
C VAL A 48 -3.59 -2.32 41.29
N GLY A 49 -4.14 -3.52 41.34
CA GLY A 49 -4.22 -4.37 40.16
C GLY A 49 -5.60 -4.48 39.58
N LEU A 50 -5.78 -3.95 38.37
CA LEU A 50 -7.06 -4.02 37.67
C LEU A 50 -7.05 -5.27 36.79
N LEU A 51 -7.60 -6.36 37.31
CA LEU A 51 -7.58 -7.64 36.63
C LEU A 51 -8.99 -8.08 36.26
N GLY A 52 -9.09 -9.28 35.70
CA GLY A 52 -10.36 -9.83 35.30
C GLY A 52 -10.21 -10.71 34.06
N PRO A 53 -11.29 -11.37 33.67
CA PRO A 53 -11.23 -12.18 32.45
C PRO A 53 -11.02 -11.32 31.22
N ASN A 54 -10.34 -11.89 30.23
CA ASN A 54 -9.97 -11.14 29.03
C ASN A 54 -11.21 -10.66 28.28
N GLY A 55 -11.19 -9.40 27.88
CA GLY A 55 -12.29 -8.83 27.12
C GLY A 55 -13.53 -8.52 27.91
N ALA A 56 -13.48 -8.61 29.24
CA ALA A 56 -14.63 -8.35 30.09
C ALA A 56 -14.72 -6.90 30.53
N GLY A 57 -13.81 -6.03 30.10
CA GLY A 57 -13.85 -4.62 30.42
C GLY A 57 -12.72 -4.12 31.27
N LYS A 58 -11.75 -4.96 31.65
CA LYS A 58 -10.61 -4.48 32.42
C LYS A 58 -9.71 -3.61 31.55
N THR A 59 -9.45 -4.04 30.31
CA THR A 59 -8.58 -3.27 29.42
C THR A 59 -9.22 -1.95 29.02
N THR A 60 -10.51 -1.98 28.68
CA THR A 60 -11.20 -0.76 28.30
C THR A 60 -11.25 0.23 29.47
N SER A 61 -11.57 -0.27 30.68
CA SER A 61 -11.59 0.60 31.84
C SER A 61 -10.22 1.19 32.12
N PHE A 62 -9.17 0.37 31.99
CA PHE A 62 -7.81 0.88 32.18
C PHE A 62 -7.49 1.97 31.17
N TYR A 63 -7.88 1.78 29.91
CA TYR A 63 -7.59 2.78 28.89
C TYR A 63 -8.36 4.07 29.15
N MET A 64 -9.63 3.97 29.57
CA MET A 64 -10.37 5.19 29.89
C MET A 64 -9.78 5.90 31.10
N VAL A 65 -9.20 5.14 32.04
CA VAL A 65 -8.46 5.79 33.11
C VAL A 65 -7.23 6.50 32.55
N VAL A 66 -6.52 5.84 31.62
CA VAL A 66 -5.38 6.48 30.97
C VAL A 66 -5.84 7.67 30.13
N GLY A 67 -6.91 7.50 29.38
CA GLY A 67 -7.39 8.51 28.44
C GLY A 67 -7.26 8.12 26.99
N LEU A 68 -6.81 6.90 26.68
CA LEU A 68 -6.65 6.49 25.28
C LEU A 68 -7.98 6.45 24.56
N VAL A 69 -9.02 5.92 25.20
CA VAL A 69 -10.35 5.83 24.63
C VAL A 69 -11.29 6.70 25.46
N ARG A 70 -12.09 7.53 24.77
CA ARG A 70 -12.93 8.48 25.46
C ARG A 70 -14.05 7.78 26.22
N MET A 71 -14.36 8.29 27.41
CA MET A 71 -15.42 7.73 28.22
C MET A 71 -16.78 8.06 27.63
N ASP A 72 -17.75 7.17 27.89
CA ASP A 72 -19.14 7.42 27.55
C ASP A 72 -19.99 7.74 28.76
N LYS A 73 -19.53 7.39 29.96
CA LYS A 73 -20.25 7.68 31.20
C LYS A 73 -19.30 7.43 32.36
N GLY A 74 -19.32 8.34 33.34
CA GLY A 74 -18.49 8.22 34.52
C GLY A 74 -17.59 9.43 34.70
N GLU A 75 -16.93 9.46 35.86
CA GLU A 75 -16.09 10.59 36.22
C GLU A 75 -14.84 10.08 36.91
N ILE A 76 -13.81 10.93 36.89
CA ILE A 76 -12.51 10.63 37.49
C ILE A 76 -12.07 11.86 38.28
N HIS A 77 -11.65 11.66 39.52
CA HIS A 77 -11.19 12.74 40.36
C HIS A 77 -9.84 12.40 40.96
N LEU A 78 -9.05 13.44 41.21
CA LEU A 78 -7.73 13.31 41.85
C LEU A 78 -7.67 14.40 42.92
N ASP A 79 -8.15 14.06 44.12
CA ASP A 79 -8.31 15.02 45.21
C ASP A 79 -9.19 16.19 44.77
N ASN A 80 -10.46 15.84 44.52
CA ASN A 80 -11.53 16.76 44.12
C ASN A 80 -11.13 17.65 42.94
N LEU A 81 -10.23 17.14 42.11
CA LEU A 81 -9.80 17.81 40.88
C LEU A 81 -10.28 16.92 39.73
N ASP A 82 -11.34 17.35 39.05
CA ASP A 82 -11.97 16.52 38.04
C ASP A 82 -11.04 16.30 36.86
N LEU A 83 -10.92 15.05 36.43
CA LEU A 83 -10.14 14.68 35.25
C LEU A 83 -11.00 14.06 34.17
N SER A 84 -12.32 14.10 34.31
CA SER A 84 -13.20 13.43 33.34
C SER A 84 -13.11 14.10 31.97
N ASP A 85 -13.25 15.42 31.93
CA ASP A 85 -13.24 16.14 30.66
C ASP A 85 -11.84 16.42 30.14
N LEU A 86 -10.80 16.28 30.96
CA LEU A 86 -9.45 16.57 30.52
C LEU A 86 -8.97 15.50 29.55
N ALA A 87 -8.13 15.92 28.60
CA ALA A 87 -7.52 15.00 27.66
C ALA A 87 -6.38 14.24 28.34
N MET A 88 -5.79 13.30 27.61
CA MET A 88 -4.76 12.44 28.19
C MET A 88 -3.52 13.25 28.58
N HIS A 89 -3.12 14.20 27.73
CA HIS A 89 -1.95 15.01 28.04
C HIS A 89 -2.22 15.94 29.22
N GLU A 90 -3.45 16.43 29.35
CA GLU A 90 -3.80 17.26 30.50
C GLU A 90 -3.76 16.45 31.80
N ARG A 91 -4.24 15.21 31.76
CA ARG A 91 -4.13 14.33 32.92
C ARG A 91 -2.67 14.05 33.24
N ALA A 92 -1.83 13.87 32.21
CA ALA A 92 -0.41 13.65 32.43
C ALA A 92 0.23 14.85 33.11
N ARG A 93 -0.14 16.06 32.68
CA ARG A 93 0.30 17.27 33.36
C ARG A 93 -0.22 17.32 34.78
N LYS A 94 -1.39 16.74 35.05
CA LYS A 94 -1.90 16.65 36.41
C LYS A 94 -1.19 15.60 37.24
N GLY A 95 -0.38 14.73 36.63
CA GLY A 95 0.42 13.79 37.38
C GLY A 95 0.09 12.33 37.16
N ILE A 96 -0.33 11.97 35.95
CA ILE A 96 -0.66 10.59 35.61
C ILE A 96 0.24 10.16 34.46
N GLY A 97 1.07 9.15 34.70
CA GLY A 97 1.94 8.61 33.67
C GLY A 97 1.41 7.30 33.11
N TYR A 98 1.80 6.97 31.89
CA TYR A 98 1.30 5.78 31.20
C TYR A 98 2.47 4.97 30.67
N LEU A 99 2.46 3.66 30.92
CA LEU A 99 3.49 2.75 30.44
C LEU A 99 2.87 1.70 29.53
N PRO A 100 2.99 1.84 28.21
CA PRO A 100 2.38 0.88 27.29
C PRO A 100 3.07 -0.47 27.35
N GLN A 101 2.32 -1.51 26.99
CA GLN A 101 2.88 -2.86 26.96
C GLN A 101 3.94 -3.00 25.88
N GLU A 102 3.68 -2.45 24.70
CA GLU A 102 4.61 -2.59 23.58
C GLU A 102 5.79 -1.65 23.75
N ALA A 103 6.79 -1.84 22.90
CA ALA A 103 8.01 -1.03 22.94
C ALA A 103 7.67 0.40 22.55
N SER A 104 7.67 1.30 23.54
CA SER A 104 7.31 2.69 23.33
C SER A 104 8.51 3.62 23.42
N ILE A 105 9.73 3.08 23.45
CA ILE A 105 10.92 3.92 23.50
C ILE A 105 11.10 4.62 22.15
N PHE A 106 11.67 5.82 22.18
CA PHE A 106 11.98 6.53 20.93
C PHE A 106 13.09 5.78 20.22
N ARG A 107 12.77 5.20 19.06
CA ARG A 107 13.70 4.26 18.42
C ARG A 107 15.01 4.94 18.02
N LYS A 108 14.93 6.14 17.45
CA LYS A 108 16.10 6.83 16.92
C LYS A 108 16.62 7.89 17.88
N LEU A 109 16.37 7.74 19.18
CA LEU A 109 16.87 8.66 20.19
C LEU A 109 17.64 7.87 21.25
N THR A 110 18.74 8.46 21.71
CA THR A 110 19.57 7.82 22.72
C THR A 110 18.80 7.69 24.03
N ILE A 111 19.16 6.69 24.83
CA ILE A 111 18.48 6.44 26.10
C ILE A 111 18.61 7.65 27.01
N ALA A 112 19.82 8.19 27.11
CA ALA A 112 19.99 9.44 27.84
C ALA A 112 19.18 10.56 27.21
N GLU A 113 19.18 10.63 25.87
CA GLU A 113 18.32 11.59 25.18
C GLU A 113 16.85 11.25 25.39
N ASN A 114 16.51 9.96 25.47
CA ASN A 114 15.13 9.57 25.72
C ASN A 114 14.62 10.14 27.03
N ILE A 115 15.42 10.01 28.09
CA ILE A 115 15.01 10.55 29.39
C ILE A 115 15.06 12.06 29.38
N MET A 116 16.09 12.64 28.75
CA MET A 116 16.28 14.09 28.81
C MET A 116 15.19 14.83 28.05
N ALA A 117 14.71 14.27 26.93
CA ALA A 117 13.69 14.95 26.14
C ALA A 117 12.42 15.17 26.94
N ILE A 118 12.07 14.21 27.79
CA ILE A 118 10.93 14.41 28.69
C ILE A 118 11.34 15.23 29.91
N LEU A 119 12.62 15.19 30.30
CA LEU A 119 13.08 16.04 31.38
C LEU A 119 13.03 17.52 30.99
N GLU A 120 13.34 17.83 29.72
CA GLU A 120 13.26 19.21 29.26
C GLU A 120 11.84 19.76 29.30
N THR A 121 10.84 18.87 29.27
CA THR A 121 9.45 19.32 29.37
C THR A 121 9.16 19.88 30.75
N ARG A 122 9.80 19.36 31.79
CA ARG A 122 9.58 19.83 33.15
C ARG A 122 9.92 21.31 33.26
N LYS A 123 8.93 22.11 33.68
CA LYS A 123 9.12 23.54 33.82
C LYS A 123 9.70 23.95 35.17
N ASP A 124 9.80 23.01 36.11
CA ASP A 124 10.32 23.30 37.44
C ASP A 124 11.79 22.92 37.60
N LEU A 125 12.48 22.61 36.51
CA LEU A 125 13.86 22.20 36.55
C LEU A 125 14.68 23.02 35.56
N ASN A 126 15.85 23.45 35.99
CA ASN A 126 16.80 24.12 35.13
C ASN A 126 17.83 23.12 34.60
N LYS A 127 18.68 23.58 33.67
CA LYS A 127 19.62 22.68 33.02
C LYS A 127 20.57 22.05 34.03
N GLN A 128 21.04 22.84 35.01
CA GLN A 128 21.94 22.30 36.02
C GLN A 128 21.25 21.20 36.83
N GLN A 129 19.99 21.41 37.21
CA GLN A 129 19.24 20.37 37.90
C GLN A 129 18.76 19.28 36.97
N ARG A 130 18.48 19.62 35.71
CA ARG A 130 18.01 18.62 34.75
C ARG A 130 19.10 17.58 34.48
N GLN A 131 20.35 18.02 34.34
CA GLN A 131 21.44 17.08 34.10
C GLN A 131 21.64 16.16 35.30
N GLN A 132 21.55 16.72 36.52
CA GLN A 132 21.67 15.89 37.71
C GLN A 132 20.54 14.87 37.80
N ARG A 133 19.32 15.30 37.47
CA ARG A 133 18.19 14.36 37.46
C ARG A 133 18.39 13.27 36.43
N LEU A 134 18.89 13.62 35.25
CA LEU A 134 19.21 12.63 34.23
C LEU A 134 20.24 11.63 34.75
N GLN A 135 21.31 12.12 35.38
CA GLN A 135 22.36 11.23 35.86
C GLN A 135 21.83 10.30 36.95
N GLU A 136 21.04 10.82 37.88
CA GLU A 136 20.55 9.97 38.96
C GLU A 136 19.48 9.00 38.47
N LEU A 137 18.68 9.38 37.48
CA LEU A 137 17.72 8.45 36.91
C LEU A 137 18.41 7.33 36.14
N LEU A 138 19.48 7.66 35.42
CA LEU A 138 20.27 6.63 34.76
C LEU A 138 20.93 5.71 35.79
N ASN A 139 21.41 6.28 36.89
CA ASN A 139 22.09 5.48 37.91
C ASN A 139 21.11 4.54 38.63
N ASP A 140 19.91 5.03 38.96
CA ASP A 140 18.97 4.25 39.74
C ASP A 140 18.47 3.03 38.96
N PHE A 141 18.36 3.14 37.64
CA PHE A 141 17.86 2.06 36.81
C PHE A 141 18.99 1.27 36.14
N LYS A 142 20.23 1.53 36.52
CA LYS A 142 21.39 0.77 36.02
C LYS A 142 21.47 0.80 34.49
N ILE A 143 21.15 1.95 33.90
CA ILE A 143 21.25 2.16 32.47
C ILE A 143 22.32 3.19 32.13
N THR A 144 23.15 3.58 33.09
CA THR A 144 24.23 4.53 32.81
C THR A 144 25.26 3.95 31.87
N HIS A 145 25.52 2.63 31.98
CA HIS A 145 26.52 1.99 31.13
C HIS A 145 26.09 1.97 29.66
N ILE A 146 24.81 2.16 29.38
CA ILE A 146 24.30 2.06 28.01
C ILE A 146 23.64 3.39 27.65
N LYS A 147 24.09 4.47 28.29
CA LYS A 147 23.49 5.78 28.12
C LYS A 147 23.79 6.40 26.76
N ASP A 148 24.69 5.81 25.97
CA ASP A 148 25.08 6.38 24.68
C ASP A 148 24.56 5.56 23.50
N SER A 149 23.66 4.61 23.73
CA SER A 149 23.16 3.76 22.67
C SER A 149 21.74 4.17 22.28
N LEU A 150 21.36 3.81 21.05
CA LEU A 150 20.03 4.12 20.56
C LEU A 150 18.97 3.30 21.29
N GLY A 151 17.75 3.84 21.30
CA GLY A 151 16.67 3.16 22.00
C GLY A 151 16.24 1.87 21.32
N MET A 152 16.45 1.77 20.00
CA MET A 152 16.04 0.58 19.26
C MET A 152 17.08 -0.53 19.28
N SER A 153 18.27 -0.28 19.83
CA SER A 153 19.36 -1.23 19.82
C SER A 153 19.73 -1.65 21.25
N VAL A 154 18.72 -1.91 22.07
CA VAL A 154 18.93 -2.32 23.45
C VAL A 154 18.08 -3.55 23.74
N SER A 155 18.44 -4.26 24.80
CA SER A 155 17.71 -5.46 25.20
C SER A 155 16.32 -5.09 25.72
N GLY A 156 15.46 -6.10 25.81
CA GLY A 156 14.10 -5.86 26.27
C GLY A 156 14.05 -5.33 27.69
N GLY A 157 14.81 -5.95 28.58
CA GLY A 157 14.86 -5.45 29.95
C GLY A 157 15.43 -4.06 30.06
N GLU A 158 16.53 -3.81 29.33
CA GLU A 158 17.11 -2.46 29.32
C GLU A 158 16.15 -1.46 28.70
N ARG A 159 15.45 -1.85 27.64
CA ARG A 159 14.47 -0.95 27.02
C ARG A 159 13.35 -0.60 28.00
N ARG A 160 12.82 -1.60 28.71
CA ARG A 160 11.75 -1.33 29.66
C ARG A 160 12.25 -0.47 30.81
N ARG A 161 13.48 -0.71 31.28
CA ARG A 161 14.05 0.13 32.33
C ARG A 161 14.20 1.57 31.85
N ALA A 162 14.64 1.77 30.61
CA ALA A 162 14.76 3.12 30.07
C ALA A 162 13.39 3.78 29.96
N GLU A 163 12.37 3.03 29.53
CA GLU A 163 11.03 3.59 29.44
C GLU A 163 10.51 4.01 30.81
N ILE A 164 10.76 3.19 31.83
CA ILE A 164 10.31 3.52 33.17
C ILE A 164 11.07 4.72 33.72
N ALA A 165 12.37 4.81 33.42
CA ALA A 165 13.15 5.98 33.83
C ALA A 165 12.62 7.25 33.17
N ARG A 166 12.27 7.16 31.89
CA ARG A 166 11.69 8.31 31.19
C ARG A 166 10.35 8.69 31.80
N ALA A 167 9.51 7.71 32.11
CA ALA A 167 8.22 7.99 32.74
C ALA A 167 8.39 8.66 34.09
N LEU A 168 9.38 8.22 34.87
CA LEU A 168 9.68 8.91 36.13
C LEU A 168 10.22 10.31 35.89
N ALA A 169 10.97 10.50 34.80
CA ALA A 169 11.41 11.84 34.43
C ALA A 169 10.24 12.74 34.11
N ALA A 170 9.14 12.17 33.63
CA ALA A 170 7.91 12.95 33.47
C ALA A 170 7.31 13.39 34.81
N ASP A 171 7.81 12.84 35.93
CA ASP A 171 7.36 13.15 37.28
C ASP A 171 5.87 12.84 37.46
N PRO A 172 5.49 11.58 37.46
CA PRO A 172 4.08 11.24 37.66
C PRO A 172 3.74 11.00 39.12
N LYS A 173 2.45 11.10 39.42
CA LYS A 173 1.93 10.73 40.73
C LYS A 173 1.22 9.39 40.73
N PHE A 174 0.68 8.97 39.58
CA PHE A 174 0.08 7.65 39.43
C PHE A 174 0.54 7.09 38.10
N MET A 175 1.25 5.96 38.13
CA MET A 175 1.75 5.29 36.94
C MET A 175 0.79 4.16 36.57
N LEU A 176 0.27 4.20 35.35
CA LEU A 176 -0.67 3.21 34.87
C LEU A 176 0.09 2.28 33.91
N LEU A 177 0.34 1.05 34.36
CA LEU A 177 1.12 0.08 33.60
C LEU A 177 0.18 -0.85 32.84
N ASP A 178 0.43 -1.02 31.55
CA ASP A 178 -0.33 -1.93 30.71
C ASP A 178 0.52 -3.17 30.46
N GLU A 179 0.09 -4.30 31.00
CA GLU A 179 0.75 -5.59 30.82
C GLU A 179 2.26 -5.52 31.09
N PRO A 180 2.67 -5.17 32.31
CA PRO A 180 4.12 -5.15 32.59
C PRO A 180 4.78 -6.51 32.47
N PHE A 181 4.07 -7.58 32.84
CA PHE A 181 4.58 -8.94 32.71
C PHE A 181 4.07 -9.58 31.42
N ALA A 182 4.35 -8.93 30.29
CA ALA A 182 3.94 -9.41 28.98
C ALA A 182 5.19 -9.81 28.20
N GLY A 183 5.22 -11.05 27.74
CA GLY A 183 6.40 -11.56 27.07
C GLY A 183 7.64 -11.49 27.94
N VAL A 184 7.51 -11.82 29.21
CA VAL A 184 8.57 -11.66 30.19
C VAL A 184 8.93 -13.03 30.75
N ASP A 185 10.21 -13.35 30.74
CA ASP A 185 10.69 -14.60 31.29
C ASP A 185 10.50 -14.62 32.80
N PRO A 186 10.34 -15.81 33.39
CA PRO A 186 10.24 -15.89 34.85
C PRO A 186 11.46 -15.33 35.57
N ILE A 187 12.62 -15.34 34.93
CA ILE A 187 13.81 -14.72 35.52
C ILE A 187 13.65 -13.20 35.60
N SER A 188 13.00 -12.60 34.61
CA SER A 188 12.81 -11.15 34.58
C SER A 188 11.55 -10.70 35.29
N VAL A 189 10.66 -11.63 35.66
CA VAL A 189 9.47 -11.27 36.43
C VAL A 189 9.87 -10.70 37.77
N GLY A 190 10.86 -11.31 38.43
CA GLY A 190 11.35 -10.76 39.69
C GLY A 190 11.95 -9.37 39.53
N ASP A 191 12.69 -9.15 38.45
CA ASP A 191 13.25 -7.83 38.20
C ASP A 191 12.16 -6.79 37.99
N ILE A 192 11.12 -7.14 37.25
CA ILE A 192 10.01 -6.21 37.05
C ILE A 192 9.27 -5.96 38.36
N LYS A 193 9.15 -7.00 39.20
CA LYS A 193 8.56 -6.81 40.52
C LYS A 193 9.37 -5.83 41.35
N ASP A 194 10.69 -5.97 41.32
CA ASP A 194 11.56 -5.04 42.04
C ASP A 194 11.40 -3.62 41.49
N ILE A 195 11.27 -3.49 40.18
CA ILE A 195 11.07 -2.17 39.58
C ILE A 195 9.77 -1.55 40.10
N ILE A 196 8.68 -2.31 40.07
CA ILE A 196 7.38 -1.79 40.49
C ILE A 196 7.40 -1.45 41.97
N ARG A 197 8.08 -2.28 42.78
CA ARG A 197 8.23 -1.96 44.19
C ARG A 197 9.04 -0.69 44.39
N ASN A 198 10.03 -0.45 43.53
CA ASN A 198 10.80 0.79 43.61
C ASN A 198 9.93 1.99 43.28
N LEU A 199 9.08 1.89 42.27
CA LEU A 199 8.13 2.97 41.99
C LEU A 199 7.17 3.17 43.15
N LYS A 200 6.74 2.09 43.81
CA LYS A 200 5.92 2.23 45.01
C LYS A 200 6.66 2.99 46.09
N ASP A 201 7.92 2.64 46.33
CA ASP A 201 8.73 3.29 47.36
C ASP A 201 9.05 4.73 47.04
N ARG A 202 8.81 5.16 45.80
CA ARG A 202 9.04 6.54 45.37
C ARG A 202 7.85 7.45 45.62
N GLY A 203 6.82 6.94 46.29
CA GLY A 203 5.62 7.73 46.53
C GLY A 203 4.66 7.79 45.36
N ILE A 204 4.80 6.92 44.37
CA ILE A 204 3.99 6.92 43.17
C ILE A 204 3.10 5.69 43.20
N GLY A 205 1.78 5.90 43.25
CA GLY A 205 0.86 4.78 43.11
C GLY A 205 0.96 4.15 41.74
N VAL A 206 0.67 2.85 41.67
CA VAL A 206 0.78 2.09 40.44
C VAL A 206 -0.52 1.34 40.20
N LEU A 207 -1.09 1.49 39.01
CA LEU A 207 -2.27 0.75 38.59
C LEU A 207 -1.85 -0.20 37.47
N ILE A 208 -1.81 -1.49 37.79
CA ILE A 208 -1.31 -2.51 36.87
C ILE A 208 -2.51 -3.21 36.23
N THR A 209 -2.50 -3.32 34.91
CA THR A 209 -3.41 -4.21 34.20
C THR A 209 -2.57 -5.24 33.46
N ASP A 210 -2.96 -6.51 33.57
CA ASP A 210 -2.16 -7.58 33.00
C ASP A 210 -3.01 -8.83 32.83
N HIS A 211 -2.67 -9.62 31.81
CA HIS A 211 -3.32 -10.92 31.63
C HIS A 211 -2.81 -11.93 32.63
N ASN A 212 -1.55 -11.81 33.05
CA ASN A 212 -0.93 -12.74 33.97
C ASN A 212 -1.37 -12.38 35.39
N VAL A 213 -2.49 -12.97 35.81
CA VAL A 213 -3.09 -12.63 37.10
C VAL A 213 -2.22 -13.14 38.25
N ARG A 214 -1.60 -14.31 38.08
CA ARG A 214 -0.87 -14.94 39.19
C ARG A 214 0.25 -14.04 39.69
N GLU A 215 1.10 -13.56 38.79
CA GLU A 215 2.24 -12.78 39.21
C GLU A 215 1.84 -11.34 39.55
N THR A 216 0.78 -10.84 38.91
CA THR A 216 0.27 -9.51 39.26
C THR A 216 -0.26 -9.47 40.69
N LEU A 217 -0.93 -10.54 41.11
CA LEU A 217 -1.48 -10.60 42.46
C LEU A 217 -0.41 -10.70 43.53
N ALA A 218 0.86 -10.91 43.16
CA ALA A 218 1.92 -11.08 44.13
C ALA A 218 2.45 -9.75 44.68
N ILE A 219 2.22 -8.63 44.00
CA ILE A 219 2.76 -7.36 44.47
C ILE A 219 1.66 -6.33 44.68
N CYS A 220 0.56 -6.46 43.95
CA CYS A 220 -0.54 -5.52 44.14
C CYS A 220 -1.17 -5.75 45.51
N GLU A 221 -1.39 -4.67 46.25
CA GLU A 221 -1.99 -4.78 47.58
C GLU A 221 -3.49 -4.51 47.57
N HIS A 222 -4.07 -4.25 46.41
CA HIS A 222 -5.51 -4.07 46.30
C HIS A 222 -5.89 -4.38 44.86
N ALA A 223 -6.73 -5.39 44.66
CA ALA A 223 -7.06 -5.89 43.34
C ALA A 223 -8.54 -5.68 43.06
N TYR A 224 -8.85 -5.16 41.87
CA TYR A 224 -10.22 -4.98 41.40
C TYR A 224 -10.43 -5.93 40.23
N ILE A 225 -11.36 -6.85 40.38
CA ILE A 225 -11.71 -7.80 39.33
C ILE A 225 -12.89 -7.25 38.55
N VAL A 226 -12.75 -7.16 37.23
CA VAL A 226 -13.77 -6.61 36.36
C VAL A 226 -14.25 -7.73 35.46
N SER A 227 -15.51 -8.12 35.59
CA SER A 227 -16.12 -9.13 34.76
C SER A 227 -17.46 -8.63 34.24
N GLU A 228 -17.82 -9.09 33.04
CA GLU A 228 -19.04 -8.66 32.34
C GLU A 228 -19.23 -7.14 32.38
N GLY A 229 -18.12 -6.40 32.40
CA GLY A 229 -18.17 -4.95 32.34
C GLY A 229 -18.33 -4.24 33.67
N ALA A 230 -18.40 -4.97 34.78
CA ALA A 230 -18.60 -4.38 36.10
C ALA A 230 -17.61 -4.97 37.08
N VAL A 231 -17.30 -4.19 38.11
CA VAL A 231 -16.39 -4.66 39.16
C VAL A 231 -17.15 -5.63 40.06
N ILE A 232 -16.62 -6.83 40.20
CA ILE A 232 -17.25 -7.87 41.02
C ILE A 232 -16.48 -8.17 42.29
N ALA A 233 -15.25 -7.68 42.43
CA ALA A 233 -14.44 -8.00 43.60
C ALA A 233 -13.57 -6.81 43.95
N GLU A 234 -13.11 -6.79 45.20
CA GLU A 234 -12.28 -5.72 45.72
C GLU A 234 -11.59 -6.20 46.99
N GLY A 235 -10.38 -5.72 47.21
CA GLY A 235 -9.63 -6.03 48.41
C GLY A 235 -8.26 -6.57 48.08
N SER A 236 -7.62 -7.14 49.09
CA SER A 236 -6.29 -7.69 48.92
C SER A 236 -6.34 -8.94 48.04
N PRO A 237 -5.20 -9.33 47.45
CA PRO A 237 -5.20 -10.54 46.61
C PRO A 237 -5.66 -11.79 47.35
N GLN A 238 -5.45 -11.88 48.66
CA GLN A 238 -5.96 -13.02 49.41
C GLN A 238 -7.47 -13.09 49.32
N ASP A 239 -8.15 -11.95 49.48
CA ASP A 239 -9.60 -11.92 49.35
C ASP A 239 -10.03 -12.23 47.92
N ILE A 240 -9.25 -11.78 46.93
CA ILE A 240 -9.59 -12.08 45.54
C ILE A 240 -9.52 -13.57 45.28
N LEU A 241 -8.46 -14.23 45.76
CA LEU A 241 -8.33 -15.67 45.58
C LEU A 241 -9.43 -16.42 46.33
N GLU A 242 -9.75 -15.98 47.55
CA GLU A 242 -10.78 -16.66 48.33
C GLU A 242 -12.20 -16.25 47.94
N ASN A 243 -12.36 -15.27 47.04
CA ASN A 243 -13.69 -14.88 46.60
C ASN A 243 -14.29 -15.97 45.72
N GLU A 244 -15.51 -16.39 46.06
CA GLU A 244 -16.14 -17.48 45.32
C GLU A 244 -16.57 -17.03 43.92
N GLN A 245 -16.99 -15.77 43.78
CA GLN A 245 -17.45 -15.30 42.47
C GLN A 245 -16.30 -15.26 41.46
N VAL A 246 -15.14 -14.75 41.89
CA VAL A 246 -13.99 -14.68 40.99
C VAL A 246 -13.56 -16.07 40.57
N ARG A 247 -13.49 -17.01 41.53
CA ARG A 247 -13.14 -18.37 41.20
C ARG A 247 -14.20 -19.01 40.30
N LYS A 248 -15.45 -18.57 40.40
CA LYS A 248 -16.50 -19.09 39.54
C LYS A 248 -16.41 -18.55 38.12
N VAL A 249 -15.91 -17.32 37.93
CA VAL A 249 -15.91 -16.67 36.63
C VAL A 249 -14.50 -16.53 36.07
N TYR A 250 -13.50 -16.24 36.91
CA TYR A 250 -12.18 -15.89 36.42
C TYR A 250 -11.10 -16.90 36.80
N LEU A 251 -10.90 -17.15 38.09
CA LEU A 251 -9.73 -17.91 38.53
C LEU A 251 -9.90 -19.41 38.36
N GLY A 252 -11.11 -19.94 38.56
CA GLY A 252 -11.33 -21.37 38.52
C GLY A 252 -11.22 -22.01 39.89
N ASP A 253 -11.76 -23.23 39.98
CA ASP A 253 -11.73 -23.95 41.25
C ASP A 253 -10.30 -24.26 41.68
N ASP A 254 -9.45 -24.65 40.74
CA ASP A 254 -8.05 -24.95 41.02
C ASP A 254 -7.17 -23.80 40.57
N PHE A 255 -6.51 -23.15 41.52
CA PHE A 255 -5.63 -22.03 41.22
C PHE A 255 -4.69 -21.83 42.39
N THR A 256 -3.46 -21.43 42.09
CA THR A 256 -2.45 -21.22 43.13
C THR A 256 -1.68 -19.93 42.91
N GLN B 18 4.37 -43.02 14.48
CA GLN B 18 5.22 -42.16 13.65
C GLN B 18 6.07 -41.25 14.53
N THR B 19 7.24 -40.86 14.01
CA THR B 19 8.18 -40.03 14.74
C THR B 19 8.60 -38.85 13.87
N LEU B 20 8.84 -37.71 14.52
CA LEU B 20 9.31 -36.50 13.87
C LEU B 20 10.65 -36.12 14.49
N CYS B 21 11.73 -36.35 13.77
CA CYS B 21 13.06 -36.02 14.23
C CYS B 21 13.51 -34.72 13.57
N ILE B 22 14.10 -33.82 14.37
CA ILE B 22 14.54 -32.53 13.85
C ILE B 22 15.95 -32.30 14.37
N LYS B 23 16.90 -32.05 13.46
CA LYS B 23 18.31 -32.00 13.81
C LYS B 23 18.94 -30.71 13.31
N HIS B 24 19.65 -30.04 14.21
CA HIS B 24 20.57 -28.94 13.87
C HIS B 24 19.86 -27.81 13.11
N LEU B 25 18.68 -27.43 13.59
CA LEU B 25 18.05 -26.21 13.09
C LEU B 25 18.95 -25.02 13.37
N ALA B 26 19.11 -24.17 12.37
CA ALA B 26 19.91 -22.95 12.50
C ALA B 26 19.38 -21.92 11.51
N LYS B 27 19.13 -20.72 12.00
CA LYS B 27 18.60 -19.65 11.19
C LYS B 27 19.18 -18.33 11.68
N ASN B 28 19.55 -17.45 10.74
CA ASN B 28 20.12 -16.15 11.08
C ASN B 28 19.28 -15.02 10.51
N TYR B 29 19.14 -13.95 11.29
CA TYR B 29 18.43 -12.75 10.88
C TYR B 29 19.31 -11.56 11.14
N SER B 30 19.47 -10.70 10.12
CA SER B 30 20.34 -9.54 10.20
C SER B 30 21.77 -9.94 10.60
N LYS B 31 22.25 -11.03 10.02
CA LYS B 31 23.61 -11.54 10.19
C LYS B 31 23.93 -11.96 11.62
N ARG B 32 22.92 -12.24 12.44
CA ARG B 32 23.11 -12.85 13.74
C ARG B 32 22.25 -14.11 13.83
N TRP B 33 22.85 -15.20 14.32
CA TRP B 33 22.19 -16.50 14.34
C TRP B 33 21.27 -16.58 15.55
N VAL B 34 19.98 -16.36 15.33
CA VAL B 34 19.00 -16.46 16.41
C VAL B 34 18.88 -17.89 16.89
N VAL B 35 19.00 -18.86 15.98
CA VAL B 35 18.90 -20.28 16.30
C VAL B 35 20.20 -20.94 15.87
N LYS B 36 20.81 -21.71 16.79
CA LYS B 36 22.07 -22.40 16.53
C LYS B 36 21.95 -23.83 17.04
N ASP B 37 21.79 -24.78 16.12
CA ASP B 37 21.78 -26.21 16.43
C ASP B 37 20.67 -26.55 17.45
N VAL B 38 19.43 -26.35 17.00
CA VAL B 38 18.25 -26.74 17.78
C VAL B 38 17.73 -28.06 17.24
N SER B 39 17.70 -29.08 18.09
CA SER B 39 17.30 -30.42 17.68
C SER B 39 16.39 -31.04 18.73
N PHE B 40 15.34 -31.72 18.28
CA PHE B 40 14.46 -32.43 19.20
C PHE B 40 13.69 -33.51 18.44
N GLU B 41 13.17 -34.47 19.20
CA GLU B 41 12.44 -35.60 18.65
C GLU B 41 11.03 -35.63 19.23
N MET B 42 10.08 -36.07 18.42
CA MET B 42 8.68 -36.15 18.80
C MET B 42 8.12 -37.48 18.33
N GLN B 43 7.06 -37.93 18.98
CA GLN B 43 6.35 -39.13 18.57
C GLN B 43 4.85 -38.85 18.51
N SER B 44 4.15 -39.60 17.67
CA SER B 44 2.72 -39.45 17.55
C SER B 44 2.03 -39.79 18.87
N GLY B 45 1.00 -39.04 19.21
CA GLY B 45 0.34 -39.19 20.49
C GLY B 45 1.21 -38.83 21.67
N GLN B 46 2.05 -37.80 21.52
CA GLN B 46 2.91 -37.34 22.58
C GLN B 46 2.91 -35.82 22.58
N ILE B 47 2.92 -35.23 23.77
CA ILE B 47 2.88 -33.78 23.93
C ILE B 47 4.28 -33.30 24.29
N VAL B 48 4.82 -32.42 23.45
CA VAL B 48 6.17 -31.89 23.61
C VAL B 48 6.08 -30.38 23.64
N GLY B 49 6.76 -29.78 24.62
CA GLY B 49 6.77 -28.33 24.77
C GLY B 49 8.09 -27.70 24.42
N LEU B 50 8.12 -26.90 23.37
CA LEU B 50 9.34 -26.20 22.94
C LEU B 50 9.35 -24.85 23.64
N LEU B 51 9.94 -24.80 24.83
CA LEU B 51 9.93 -23.63 25.68
C LEU B 51 11.32 -22.99 25.72
N GLY B 52 11.42 -21.87 26.42
CA GLY B 52 12.66 -21.17 26.57
C GLY B 52 12.44 -19.67 26.73
N PRO B 53 13.51 -18.93 27.01
CA PRO B 53 13.39 -17.48 27.12
C PRO B 53 12.94 -16.86 25.81
N ASN B 54 12.14 -15.79 25.92
CA ASN B 54 11.58 -15.15 24.74
C ASN B 54 12.67 -14.55 23.87
N GLY B 55 12.57 -14.78 22.56
CA GLY B 55 13.55 -14.26 21.63
C GLY B 55 14.83 -15.04 21.55
N ALA B 56 14.95 -16.14 22.27
CA ALA B 56 16.16 -16.95 22.28
C ALA B 56 16.14 -18.07 21.24
N GLY B 57 15.07 -18.19 20.46
CA GLY B 57 15.02 -19.16 19.40
C GLY B 57 13.88 -20.16 19.47
N LYS B 58 13.05 -20.16 20.52
CA LYS B 58 11.92 -21.10 20.54
C LYS B 58 10.91 -20.78 19.45
N THR B 59 10.61 -19.50 19.26
CA THR B 59 9.65 -19.10 18.23
C THR B 59 10.20 -19.39 16.83
N THR B 60 11.46 -19.05 16.58
CA THR B 60 12.06 -19.30 15.27
C THR B 60 12.16 -20.79 14.98
N SER B 61 12.57 -21.58 15.97
CA SER B 61 12.65 -23.03 15.78
C SER B 61 11.27 -23.62 15.50
N PHE B 62 10.26 -23.18 16.26
CA PHE B 62 8.91 -23.66 16.02
C PHE B 62 8.43 -23.30 14.62
N TYR B 63 8.73 -22.08 14.17
CA TYR B 63 8.30 -21.66 12.84
C TYR B 63 9.02 -22.44 11.75
N MET B 64 10.31 -22.75 11.95
CA MET B 64 11.00 -23.59 10.98
C MET B 64 10.40 -25.00 10.94
N VAL B 65 9.99 -25.52 12.09
CA VAL B 65 9.28 -26.80 12.11
C VAL B 65 7.97 -26.69 11.34
N VAL B 66 7.23 -25.61 11.55
CA VAL B 66 5.97 -25.40 10.82
C VAL B 66 6.24 -25.23 9.34
N GLY B 67 7.24 -24.43 9.01
CA GLY B 67 7.55 -24.07 7.62
C GLY B 67 7.41 -22.61 7.31
N LEU B 68 7.00 -21.77 8.26
CA LEU B 68 6.89 -20.34 8.01
C LEU B 68 8.25 -19.72 7.70
N VAL B 69 9.29 -20.13 8.42
CA VAL B 69 10.62 -19.58 8.28
C VAL B 69 11.50 -20.61 7.57
N ARG B 70 12.17 -20.18 6.51
CA ARG B 70 12.98 -21.10 5.72
C ARG B 70 14.18 -21.61 6.51
N MET B 71 14.55 -22.86 6.26
CA MET B 71 15.53 -23.57 7.06
C MET B 71 16.92 -23.38 6.46
N ASP B 72 17.79 -22.64 7.16
CA ASP B 72 19.15 -22.46 6.66
C ASP B 72 19.99 -23.72 6.86
N LYS B 73 19.85 -24.37 8.02
CA LYS B 73 20.61 -25.56 8.33
C LYS B 73 19.74 -26.53 9.12
N GLY B 74 19.90 -27.82 8.84
CA GLY B 74 19.20 -28.83 9.61
C GLY B 74 18.50 -29.87 8.76
N GLU B 75 17.96 -30.91 9.41
CA GLU B 75 17.23 -31.96 8.74
C GLU B 75 15.97 -32.27 9.52
N ILE B 76 14.83 -32.29 8.84
CA ILE B 76 13.55 -32.66 9.44
C ILE B 76 13.06 -33.93 8.77
N HIS B 77 12.92 -35.00 9.56
CA HIS B 77 12.44 -36.28 9.08
C HIS B 77 11.13 -36.62 9.79
N LEU B 78 10.21 -37.24 9.05
CA LEU B 78 8.94 -37.71 9.59
C LEU B 78 8.79 -39.17 9.16
N ASP B 79 9.23 -40.08 10.02
CA ASP B 79 9.21 -41.51 9.74
C ASP B 79 10.01 -41.80 8.46
N ASN B 80 11.31 -41.57 8.59
CA ASN B 80 12.31 -41.67 7.51
C ASN B 80 11.81 -41.11 6.19
N LEU B 81 11.16 -39.94 6.30
CA LEU B 81 10.68 -39.19 5.14
C LEU B 81 11.09 -37.74 5.34
N ASP B 82 12.08 -37.30 4.57
CA ASP B 82 12.67 -35.98 4.77
C ASP B 82 11.69 -34.88 4.40
N LEU B 83 11.53 -33.91 5.30
CA LEU B 83 10.69 -32.75 5.05
C LEU B 83 11.48 -31.44 5.03
N SER B 84 12.81 -31.51 5.11
CA SER B 84 13.60 -30.28 5.16
C SER B 84 13.46 -29.46 3.88
N ASP B 85 13.47 -30.13 2.72
CA ASP B 85 13.35 -29.44 1.45
C ASP B 85 11.91 -29.13 1.07
N LEU B 86 10.93 -29.71 1.74
CA LEU B 86 9.54 -29.47 1.41
C LEU B 86 9.08 -28.11 1.92
N ALA B 87 8.07 -27.55 1.25
CA ALA B 87 7.50 -26.28 1.64
C ALA B 87 6.47 -26.49 2.76
N MET B 88 5.79 -25.40 3.13
CA MET B 88 4.80 -25.48 4.20
C MET B 88 3.63 -26.38 3.82
N HIS B 89 3.06 -26.17 2.62
CA HIS B 89 1.91 -26.95 2.21
C HIS B 89 2.27 -28.41 2.00
N GLU B 90 3.47 -28.68 1.47
CA GLU B 90 3.89 -30.06 1.29
C GLU B 90 4.05 -30.78 2.62
N ARG B 91 4.63 -30.12 3.62
CA ARG B 91 4.71 -30.70 4.95
C ARG B 91 3.31 -30.90 5.54
N ALA B 92 2.40 -29.97 5.29
CA ALA B 92 1.03 -30.12 5.76
C ALA B 92 0.36 -31.35 5.16
N ARG B 93 0.56 -31.56 3.85
CA ARG B 93 0.07 -32.77 3.22
C ARG B 93 0.76 -34.02 3.76
N LYS B 94 2.00 -33.90 4.21
CA LYS B 94 2.70 -35.05 4.79
C LYS B 94 2.20 -35.40 6.19
N GLY B 95 1.38 -34.56 6.80
CA GLY B 95 0.80 -34.90 8.09
C GLY B 95 1.16 -33.97 9.23
N ILE B 96 1.38 -32.69 8.93
CA ILE B 96 1.71 -31.68 9.94
C ILE B 96 0.66 -30.59 9.88
N GLY B 97 0.00 -30.34 11.02
CA GLY B 97 -0.95 -29.25 11.11
C GLY B 97 -0.41 -28.13 11.97
N TYR B 98 -0.91 -26.91 11.77
CA TYR B 98 -0.41 -25.74 12.48
C TYR B 98 -1.58 -24.95 13.04
N LEU B 99 -1.44 -24.51 14.29
CA LEU B 99 -2.47 -23.70 14.96
C LEU B 99 -1.88 -22.36 15.36
N PRO B 100 -2.18 -21.30 14.59
CA PRO B 100 -1.62 -19.98 14.91
C PRO B 100 -2.18 -19.41 16.19
N GLN B 101 -1.38 -18.57 16.85
CA GLN B 101 -1.83 -17.91 18.07
C GLN B 101 -2.98 -16.94 17.79
N GLU B 102 -2.86 -16.17 16.72
CA GLU B 102 -3.87 -15.18 16.39
C GLU B 102 -5.10 -15.83 15.78
N ALA B 103 -6.17 -15.05 15.65
CA ALA B 103 -7.40 -15.54 15.06
C ALA B 103 -7.18 -15.89 13.59
N SER B 104 -7.35 -17.17 13.25
CA SER B 104 -7.10 -17.65 11.90
C SER B 104 -8.33 -18.32 11.29
N ILE B 105 -9.51 -18.05 11.83
CA ILE B 105 -10.74 -18.59 11.27
C ILE B 105 -11.14 -17.78 10.05
N PHE B 106 -11.79 -18.44 9.08
CA PHE B 106 -12.29 -17.73 7.92
C PHE B 106 -13.46 -16.85 8.33
N ARG B 107 -13.27 -15.53 8.26
CA ARG B 107 -14.25 -14.60 8.84
C ARG B 107 -15.60 -14.70 8.15
N LYS B 108 -15.61 -14.80 6.83
CA LYS B 108 -16.85 -14.75 6.05
C LYS B 108 -17.45 -16.13 5.80
N LEU B 109 -16.89 -17.17 6.37
CA LEU B 109 -17.40 -18.54 6.22
C LEU B 109 -17.92 -19.04 7.55
N THR B 110 -19.04 -19.77 7.51
CA THR B 110 -19.61 -20.32 8.72
C THR B 110 -18.72 -21.44 9.26
N ILE B 111 -18.96 -21.79 10.53
CA ILE B 111 -18.13 -22.78 11.21
C ILE B 111 -18.22 -24.13 10.50
N ALA B 112 -19.44 -24.54 10.14
CA ALA B 112 -19.60 -25.76 9.37
C ALA B 112 -18.90 -25.64 8.02
N GLU B 113 -19.04 -24.49 7.37
CA GLU B 113 -18.30 -24.24 6.14
C GLU B 113 -16.80 -24.19 6.39
N ASN B 114 -16.39 -23.65 7.54
CA ASN B 114 -14.96 -23.60 7.85
C ASN B 114 -14.37 -25.01 7.90
N ILE B 115 -15.06 -25.93 8.57
CA ILE B 115 -14.54 -27.29 8.67
C ILE B 115 -14.68 -28.03 7.34
N MET B 116 -15.81 -27.84 6.64
CA MET B 116 -16.02 -28.54 5.37
C MET B 116 -15.05 -28.07 4.30
N ALA B 117 -14.59 -26.82 4.39
CA ALA B 117 -13.63 -26.31 3.41
C ALA B 117 -12.34 -27.12 3.43
N ILE B 118 -11.90 -27.53 4.62
CA ILE B 118 -10.70 -28.35 4.72
C ILE B 118 -11.04 -29.82 4.54
N LEU B 119 -12.27 -30.23 4.89
CA LEU B 119 -12.66 -31.62 4.66
C LEU B 119 -12.67 -31.95 3.17
N GLU B 120 -13.11 -31.00 2.33
CA GLU B 120 -13.10 -31.22 0.89
C GLU B 120 -11.70 -31.40 0.34
N THR B 121 -10.68 -30.88 1.04
CA THR B 121 -9.30 -31.08 0.60
C THR B 121 -8.89 -32.54 0.70
N ARG B 122 -9.44 -33.27 1.68
CA ARG B 122 -9.11 -34.68 1.84
C ARG B 122 -9.54 -35.46 0.60
N LYS B 123 -8.65 -36.30 0.09
CA LYS B 123 -8.91 -37.06 -1.12
C LYS B 123 -9.51 -38.44 -0.85
N ASP B 124 -9.25 -39.01 0.33
CA ASP B 124 -9.76 -40.33 0.69
C ASP B 124 -11.13 -40.28 1.36
N LEU B 125 -11.86 -39.17 1.24
CA LEU B 125 -13.24 -39.08 1.68
C LEU B 125 -14.13 -38.65 0.52
N ASN B 126 -15.30 -39.29 0.42
CA ASN B 126 -16.35 -38.86 -0.49
C ASN B 126 -17.38 -38.03 0.27
N LYS B 127 -18.31 -37.44 -0.47
CA LYS B 127 -19.27 -36.51 0.13
C LYS B 127 -20.09 -37.19 1.22
N GLN B 128 -20.50 -38.45 0.98
CA GLN B 128 -21.36 -39.14 1.94
C GLN B 128 -20.69 -39.28 3.29
N GLN B 129 -19.39 -39.64 3.31
CA GLN B 129 -18.67 -39.70 4.56
C GLN B 129 -18.09 -38.35 4.96
N ARG B 130 -17.92 -37.42 4.03
CA ARG B 130 -17.48 -36.07 4.38
C ARG B 130 -18.51 -35.38 5.27
N GLN B 131 -19.80 -35.54 4.95
CA GLN B 131 -20.83 -34.93 5.78
C GLN B 131 -20.85 -35.55 7.17
N GLN B 132 -20.68 -36.87 7.26
CA GLN B 132 -20.64 -37.53 8.57
C GLN B 132 -19.44 -37.07 9.38
N ARG B 133 -18.28 -36.94 8.74
CA ARG B 133 -17.08 -36.45 9.43
C ARG B 133 -17.29 -35.02 9.91
N LEU B 134 -17.92 -34.18 9.07
CA LEU B 134 -18.26 -32.83 9.48
C LEU B 134 -19.15 -32.82 10.71
N GLN B 135 -20.20 -33.66 10.70
CA GLN B 135 -21.13 -33.68 11.82
C GLN B 135 -20.45 -34.15 13.10
N GLU B 136 -19.62 -35.20 13.01
CA GLU B 136 -19.00 -35.71 14.22
C GLU B 136 -17.88 -34.79 14.72
N LEU B 137 -17.22 -34.06 13.82
CA LEU B 137 -16.26 -33.06 14.26
C LEU B 137 -16.95 -31.89 14.94
N LEU B 138 -18.11 -31.47 14.41
CA LEU B 138 -18.87 -30.41 15.05
C LEU B 138 -19.38 -30.84 16.42
N ASN B 139 -19.83 -32.09 16.54
CA ASN B 139 -20.34 -32.58 17.82
C ASN B 139 -19.21 -32.86 18.81
N ASP B 140 -18.02 -33.18 18.32
CA ASP B 140 -16.90 -33.48 19.21
C ASP B 140 -16.50 -32.27 20.03
N PHE B 141 -16.43 -31.10 19.39
CA PHE B 141 -16.01 -29.87 20.04
C PHE B 141 -17.18 -29.03 20.55
N LYS B 142 -18.40 -29.56 20.51
CA LYS B 142 -19.58 -28.87 21.01
C LYS B 142 -19.77 -27.52 20.33
N ILE B 143 -19.48 -27.47 19.03
CA ILE B 143 -19.67 -26.28 18.22
C ILE B 143 -20.80 -26.45 17.21
N THR B 144 -21.67 -27.44 17.42
CA THR B 144 -22.77 -27.66 16.50
C THR B 144 -23.81 -26.53 16.58
N HIS B 145 -23.94 -25.94 17.76
CA HIS B 145 -24.93 -24.87 17.93
C HIS B 145 -24.56 -23.60 17.16
N ILE B 146 -23.30 -23.45 16.78
CA ILE B 146 -22.85 -22.30 16.02
C ILE B 146 -22.39 -22.70 14.62
N LYS B 147 -22.80 -23.87 14.15
CA LYS B 147 -22.35 -24.34 12.83
C LYS B 147 -22.88 -23.47 11.70
N ASP B 148 -23.99 -22.76 11.91
CA ASP B 148 -24.55 -21.88 10.89
C ASP B 148 -24.17 -20.42 11.10
N SER B 149 -23.33 -20.12 12.09
CA SER B 149 -22.93 -18.75 12.35
C SER B 149 -21.58 -18.45 11.72
N LEU B 150 -21.39 -17.20 11.31
CA LEU B 150 -20.14 -16.80 10.68
C LEU B 150 -18.99 -16.90 11.66
N GLY B 151 -17.80 -17.17 11.13
CA GLY B 151 -16.63 -17.35 11.96
C GLY B 151 -16.17 -16.09 12.68
N MET B 152 -16.56 -14.92 12.19
CA MET B 152 -16.16 -13.65 12.79
C MET B 152 -17.11 -13.18 13.87
N SER B 153 -18.19 -13.93 14.15
CA SER B 153 -19.19 -13.54 15.13
C SER B 153 -19.37 -14.63 16.17
N VAL B 154 -18.25 -15.16 16.67
CA VAL B 154 -18.26 -16.18 17.71
C VAL B 154 -17.26 -15.78 18.79
N SER B 155 -17.42 -16.38 19.97
CA SER B 155 -16.55 -16.07 21.10
C SER B 155 -15.15 -16.60 20.85
N GLY B 156 -14.21 -16.15 21.67
CA GLY B 156 -12.82 -16.57 21.51
C GLY B 156 -12.65 -18.06 21.68
N GLY B 157 -13.25 -18.64 22.73
CA GLY B 157 -13.15 -20.07 22.94
C GLY B 157 -13.83 -20.86 21.85
N GLU B 158 -15.02 -20.43 21.43
CA GLU B 158 -15.72 -21.11 20.34
C GLU B 158 -14.93 -21.01 19.04
N ARG B 159 -14.36 -19.84 18.76
CA ARG B 159 -13.55 -19.70 17.55
C ARG B 159 -12.31 -20.59 17.60
N ARG B 160 -11.66 -20.67 18.76
CA ARG B 160 -10.50 -21.55 18.88
C ARG B 160 -10.87 -23.01 18.70
N ARG B 161 -12.01 -23.42 19.27
CA ARG B 161 -12.47 -24.80 19.08
C ARG B 161 -12.77 -25.07 17.61
N ALA B 162 -13.38 -24.09 16.93
CA ALA B 162 -13.64 -24.24 15.50
C ALA B 162 -12.35 -24.36 14.71
N GLU B 163 -11.34 -23.56 15.06
CA GLU B 163 -10.05 -23.65 14.37
C GLU B 163 -9.40 -25.01 14.60
N ILE B 164 -9.49 -25.53 15.82
CA ILE B 164 -8.90 -26.85 16.11
C ILE B 164 -9.62 -27.93 15.33
N ALA B 165 -10.96 -27.87 15.28
CA ALA B 165 -11.71 -28.84 14.49
C ALA B 165 -11.36 -28.74 13.01
N ARG B 166 -11.23 -27.52 12.51
CA ARG B 166 -10.85 -27.31 11.11
C ARG B 166 -9.48 -27.89 10.81
N ALA B 167 -8.52 -27.69 11.72
CA ALA B 167 -7.20 -28.25 11.53
C ALA B 167 -7.23 -29.78 11.57
N LEU B 168 -8.00 -30.35 12.49
CA LEU B 168 -8.09 -31.81 12.56
C LEU B 168 -8.85 -32.40 11.39
N ALA B 169 -9.66 -31.59 10.70
CA ALA B 169 -10.36 -32.07 9.51
C ALA B 169 -9.38 -32.51 8.44
N ALA B 170 -8.17 -31.95 8.42
CA ALA B 170 -7.13 -32.37 7.50
C ALA B 170 -6.41 -33.63 7.95
N ASP B 171 -6.72 -34.15 9.13
CA ASP B 171 -6.13 -35.36 9.70
C ASP B 171 -4.61 -35.22 9.80
N PRO B 172 -4.11 -34.34 10.66
CA PRO B 172 -2.65 -34.21 10.81
C PRO B 172 -2.09 -35.25 11.76
N LYS B 173 -0.82 -35.57 11.56
CA LYS B 173 -0.12 -36.49 12.47
C LYS B 173 0.62 -35.76 13.58
N PHE B 174 0.90 -34.47 13.41
CA PHE B 174 1.59 -33.68 14.42
C PHE B 174 1.00 -32.27 14.38
N MET B 175 0.37 -31.85 15.47
CA MET B 175 -0.24 -30.53 15.58
C MET B 175 0.73 -29.60 16.28
N LEU B 176 1.04 -28.48 15.63
CA LEU B 176 2.04 -27.53 16.10
C LEU B 176 1.29 -26.29 16.60
N LEU B 177 1.14 -26.17 17.91
CA LEU B 177 0.34 -25.10 18.50
C LEU B 177 1.24 -23.94 18.90
N ASP B 178 0.86 -22.73 18.47
CA ASP B 178 1.58 -21.52 18.81
C ASP B 178 0.80 -20.79 19.90
N GLU B 179 1.32 -20.84 21.12
CA GLU B 179 0.74 -20.17 22.29
C GLU B 179 -0.75 -20.44 22.44
N PRO B 180 -1.15 -21.69 22.73
CA PRO B 180 -2.57 -21.93 23.02
C PRO B 180 -3.07 -21.19 24.25
N PHE B 181 -2.21 -20.99 25.25
CA PHE B 181 -2.59 -20.25 26.46
C PHE B 181 -2.22 -18.78 26.34
N ALA B 182 -2.68 -18.13 25.26
CA ALA B 182 -2.47 -16.72 25.04
C ALA B 182 -3.80 -16.00 25.18
N GLY B 183 -3.88 -15.06 26.11
CA GLY B 183 -5.14 -14.41 26.40
C GLY B 183 -6.20 -15.36 26.90
N VAL B 184 -5.82 -16.32 27.73
CA VAL B 184 -6.70 -17.36 28.23
C VAL B 184 -6.82 -17.21 29.73
N ASP B 185 -8.05 -17.08 30.22
CA ASP B 185 -8.29 -16.95 31.65
C ASP B 185 -7.98 -18.26 32.36
N PRO B 186 -7.60 -18.20 33.63
CA PRO B 186 -7.30 -19.44 34.37
C PRO B 186 -8.47 -20.40 34.43
N ILE B 187 -9.71 -19.90 34.37
CA ILE B 187 -10.87 -20.78 34.32
C ILE B 187 -10.89 -21.57 33.00
N SER B 188 -10.48 -20.94 31.90
CA SER B 188 -10.51 -21.57 30.59
C SER B 188 -9.19 -22.24 30.22
N VAL B 189 -8.18 -22.19 31.10
CA VAL B 189 -6.95 -22.93 30.84
C VAL B 189 -7.23 -24.43 30.90
N GLY B 190 -8.10 -24.86 31.81
CA GLY B 190 -8.46 -26.27 31.88
C GLY B 190 -9.10 -26.77 30.60
N ASP B 191 -9.90 -25.94 29.94
CA ASP B 191 -10.50 -26.34 28.68
C ASP B 191 -9.45 -26.56 27.60
N ILE B 192 -8.46 -25.67 27.52
CA ILE B 192 -7.38 -25.83 26.54
C ILE B 192 -6.56 -27.07 26.86
N LYS B 193 -6.30 -27.31 28.14
CA LYS B 193 -5.55 -28.50 28.53
C LYS B 193 -6.31 -29.77 28.15
N ASP B 194 -7.63 -29.77 28.37
CA ASP B 194 -8.45 -30.93 27.99
C ASP B 194 -8.46 -31.11 26.48
N ILE B 195 -8.52 -30.02 25.72
CA ILE B 195 -8.48 -30.11 24.27
C ILE B 195 -7.16 -30.71 23.80
N ILE B 196 -6.06 -30.27 24.38
CA ILE B 196 -4.75 -30.80 23.98
C ILE B 196 -4.61 -32.26 24.39
N ARG B 197 -5.15 -32.63 25.56
CA ARG B 197 -5.14 -34.04 25.96
C ARG B 197 -5.97 -34.88 25.00
N ASN B 198 -7.11 -34.35 24.54
CA ASN B 198 -7.92 -35.06 23.55
C ASN B 198 -7.17 -35.21 22.24
N LEU B 199 -6.46 -34.17 21.82
CA LEU B 199 -5.65 -34.26 20.61
C LEU B 199 -4.58 -35.33 20.74
N LYS B 200 -3.95 -35.43 21.91
CA LYS B 200 -3.00 -36.50 22.17
C LYS B 200 -3.70 -37.87 22.10
N ASP B 201 -4.88 -37.99 22.71
CA ASP B 201 -5.59 -39.25 22.74
C ASP B 201 -6.11 -39.66 21.37
N ARG B 202 -6.11 -38.76 20.39
CA ARG B 202 -6.52 -39.08 19.03
C ARG B 202 -5.38 -39.65 18.20
N GLY B 203 -4.25 -39.97 18.82
CA GLY B 203 -3.11 -40.49 18.10
C GLY B 203 -2.25 -39.45 17.43
N ILE B 204 -2.42 -38.18 17.77
CA ILE B 204 -1.74 -37.07 17.12
C ILE B 204 -0.82 -36.42 18.15
N GLY B 205 0.48 -36.38 17.84
CA GLY B 205 1.41 -35.68 18.70
C GLY B 205 1.16 -34.18 18.66
N VAL B 206 1.57 -33.49 19.73
CA VAL B 206 1.37 -32.06 19.87
C VAL B 206 2.70 -31.42 20.28
N LEU B 207 3.07 -30.35 19.57
CA LEU B 207 4.21 -29.51 19.96
C LEU B 207 3.68 -28.13 20.33
N ILE B 208 3.75 -27.81 21.61
CA ILE B 208 3.23 -26.55 22.14
C ILE B 208 4.40 -25.59 22.31
N THR B 209 4.29 -24.39 21.74
CA THR B 209 5.22 -23.31 22.05
C THR B 209 4.40 -22.16 22.65
N ASP B 210 4.79 -21.72 23.85
CA ASP B 210 4.04 -20.68 24.50
C ASP B 210 4.93 -20.09 25.60
N HIS B 211 4.71 -18.81 25.89
CA HIS B 211 5.46 -18.12 26.93
C HIS B 211 4.97 -18.45 28.33
N ASN B 212 3.78 -19.04 28.47
CA ASN B 212 3.24 -19.41 29.78
C ASN B 212 3.75 -20.80 30.12
N VAL B 213 4.97 -20.85 30.65
CA VAL B 213 5.62 -22.12 30.97
C VAL B 213 4.93 -22.88 32.09
N ARG B 214 4.32 -22.18 33.05
CA ARG B 214 3.76 -22.85 34.23
C ARG B 214 2.66 -23.83 33.86
N GLU B 215 1.69 -23.40 33.05
CA GLU B 215 0.65 -24.33 32.62
C GLU B 215 1.00 -25.06 31.33
N THR B 216 2.10 -24.72 30.68
CA THR B 216 2.58 -25.53 29.56
C THR B 216 3.27 -26.78 30.06
N LEU B 217 3.91 -26.71 31.22
CA LEU B 217 4.61 -27.85 31.80
C LEU B 217 3.68 -28.82 32.52
N ALA B 218 2.39 -28.50 32.60
CA ALA B 218 1.44 -29.37 33.27
C ALA B 218 0.84 -30.43 32.36
N ILE B 219 0.81 -30.21 31.06
CA ILE B 219 0.29 -31.19 30.12
C ILE B 219 1.38 -31.78 29.23
N CYS B 220 2.44 -31.04 28.93
CA CYS B 220 3.50 -31.55 28.08
C CYS B 220 4.22 -32.68 28.78
N GLU B 221 4.30 -33.83 28.13
CA GLU B 221 5.02 -34.96 28.70
C GLU B 221 6.47 -35.03 28.27
N HIS B 222 6.92 -34.12 27.41
CA HIS B 222 8.36 -34.02 27.14
C HIS B 222 8.65 -32.58 26.72
N ALA B 223 9.59 -31.93 27.41
CA ALA B 223 9.84 -30.52 27.21
C ALA B 223 11.28 -30.29 26.78
N TYR B 224 11.47 -29.45 25.77
CA TYR B 224 12.78 -29.01 25.32
C TYR B 224 12.91 -27.51 25.59
N ILE B 225 13.91 -27.14 26.38
CA ILE B 225 14.20 -25.73 26.66
C ILE B 225 15.31 -25.29 25.74
N VAL B 226 15.09 -24.19 25.02
CA VAL B 226 16.08 -23.63 24.11
C VAL B 226 16.44 -22.23 24.58
N SER B 227 17.73 -22.00 24.79
CA SER B 227 18.24 -20.69 25.16
C SER B 227 19.52 -20.42 24.38
N GLU B 228 19.80 -19.13 24.16
CA GLU B 228 20.94 -18.68 23.38
C GLU B 228 20.97 -19.31 21.98
N GLY B 229 19.81 -19.72 21.47
CA GLY B 229 19.73 -20.34 20.17
C GLY B 229 19.99 -21.84 20.14
N ALA B 230 20.23 -22.48 21.29
CA ALA B 230 20.54 -23.89 21.31
C ALA B 230 19.76 -24.57 22.43
N VAL B 231 19.53 -25.87 22.27
CA VAL B 231 18.79 -26.64 23.28
C VAL B 231 19.69 -26.82 24.49
N ILE B 232 19.21 -26.37 25.66
CA ILE B 232 20.00 -26.45 26.88
C ILE B 232 19.50 -27.53 27.83
N ALA B 233 18.29 -28.05 27.64
CA ALA B 233 17.76 -29.06 28.52
C ALA B 233 16.79 -29.95 27.76
N GLU B 234 16.55 -31.14 28.31
CA GLU B 234 15.70 -32.14 27.68
C GLU B 234 15.18 -33.09 28.75
N GLY B 235 13.91 -33.47 28.62
CA GLY B 235 13.31 -34.44 29.51
C GLY B 235 11.93 -34.01 29.93
N SER B 236 11.41 -34.69 30.94
CA SER B 236 10.10 -34.41 31.46
C SER B 236 10.08 -33.05 32.17
N PRO B 237 8.90 -32.46 32.35
CA PRO B 237 8.83 -31.17 33.06
C PRO B 237 9.44 -31.20 34.46
N GLN B 238 9.33 -32.34 35.15
CA GLN B 238 9.98 -32.45 36.45
C GLN B 238 11.49 -32.29 36.32
N ASP B 239 12.09 -32.94 35.32
CA ASP B 239 13.53 -32.79 35.09
C ASP B 239 13.86 -31.38 34.64
N ILE B 240 12.96 -30.75 33.88
CA ILE B 240 13.19 -29.37 33.44
C ILE B 240 13.24 -28.43 34.64
N LEU B 241 12.32 -28.62 35.59
CA LEU B 241 12.30 -27.75 36.77
C LEU B 241 13.57 -27.91 37.60
N GLU B 242 14.03 -29.15 37.78
CA GLU B 242 15.25 -29.39 38.54
C GLU B 242 16.49 -29.44 37.64
N ASN B 243 16.64 -28.42 36.80
CA ASN B 243 17.79 -28.27 35.92
C ASN B 243 18.50 -26.98 36.27
N GLU B 244 19.80 -27.07 36.58
CA GLU B 244 20.54 -25.92 37.07
C GLU B 244 20.61 -24.82 36.00
N GLN B 245 20.88 -25.19 34.76
CA GLN B 245 21.01 -24.18 33.70
C GLN B 245 19.68 -23.49 33.43
N VAL B 246 18.59 -24.26 33.40
CA VAL B 246 17.28 -23.68 33.09
C VAL B 246 16.86 -22.68 34.15
N ARG B 247 17.00 -23.05 35.43
CA ARG B 247 16.72 -22.10 36.50
C ARG B 247 17.71 -20.94 36.47
N LYS B 248 18.93 -21.16 35.97
CA LYS B 248 19.88 -20.07 35.89
C LYS B 248 19.46 -19.04 34.85
N VAL B 249 18.85 -19.49 33.75
CA VAL B 249 18.55 -18.60 32.63
C VAL B 249 17.05 -18.34 32.49
N TYR B 250 16.19 -19.32 32.75
CA TYR B 250 14.80 -19.21 32.34
C TYR B 250 13.82 -19.11 33.50
N LEU B 251 13.78 -20.11 34.40
CA LEU B 251 12.74 -20.10 35.44
C LEU B 251 13.14 -19.31 36.68
N GLY B 252 14.43 -19.13 36.93
CA GLY B 252 14.88 -18.44 38.11
C GLY B 252 15.02 -19.38 39.31
N ASP B 253 15.55 -18.82 40.39
CA ASP B 253 15.76 -19.61 41.60
C ASP B 253 14.45 -20.09 42.19
N ASP B 254 13.43 -19.25 42.21
CA ASP B 254 12.12 -19.58 42.75
C ASP B 254 11.12 -19.77 41.61
N PHE B 255 10.39 -20.87 41.66
CA PHE B 255 9.39 -21.16 40.64
C PHE B 255 8.38 -22.19 41.13
N ILE C 2 14.98 18.65 22.84
CA ILE C 2 15.46 17.40 22.25
C ILE C 2 14.33 16.72 21.51
N ILE C 3 13.10 16.91 22.01
CA ILE C 3 11.93 16.44 21.27
C ILE C 3 11.76 17.23 19.98
N ARG C 4 12.03 18.53 20.03
CA ARG C 4 11.88 19.36 18.84
C ARG C 4 12.91 18.98 17.77
N ARG C 5 14.17 18.79 18.15
CA ARG C 5 15.18 18.41 17.17
C ARG C 5 14.88 17.03 16.59
N TYR C 6 14.41 16.11 17.44
CA TYR C 6 14.06 14.77 16.98
C TYR C 6 12.93 14.83 15.95
N LEU C 7 11.86 15.57 16.27
CA LEU C 7 10.74 15.69 15.35
C LEU C 7 11.16 16.39 14.06
N VAL C 8 11.96 17.45 14.16
CA VAL C 8 12.39 18.18 12.98
C VAL C 8 13.24 17.28 12.08
N LYS C 9 14.16 16.51 12.67
CA LYS C 9 14.99 15.62 11.88
C LYS C 9 14.13 14.54 11.20
N GLN C 10 13.21 13.95 11.95
CA GLN C 10 12.35 12.92 11.36
C GLN C 10 11.52 13.48 10.22
N VAL C 11 10.89 14.63 10.43
CA VAL C 11 10.03 15.22 9.41
C VAL C 11 10.85 15.62 8.20
N VAL C 12 12.03 16.21 8.41
CA VAL C 12 12.86 16.63 7.29
C VAL C 12 13.30 15.42 6.47
N SER C 13 13.73 14.35 7.13
CA SER C 13 14.18 13.17 6.41
C SER C 13 13.04 12.54 5.62
N THR C 14 11.92 12.26 6.28
CA THR C 14 10.84 11.56 5.59
C THR C 14 10.18 12.47 4.56
N SER C 15 10.18 13.78 4.78
CA SER C 15 9.58 14.70 3.84
C SER C 15 10.47 14.91 2.62
N LEU C 16 11.79 14.90 2.81
CA LEU C 16 12.68 14.92 1.64
C LEU C 16 12.54 13.62 0.85
N VAL C 17 12.40 12.49 1.53
CA VAL C 17 12.19 11.22 0.82
C VAL C 17 10.89 11.27 0.03
N VAL C 18 9.81 11.75 0.66
CA VAL C 18 8.51 11.80 0.00
C VAL C 18 8.53 12.83 -1.13
N ILE C 19 9.22 13.95 -0.94
CA ILE C 19 9.31 14.97 -1.98
C ILE C 19 10.07 14.42 -3.18
N ALA C 20 11.18 13.74 -2.95
CA ALA C 20 11.91 13.13 -4.06
C ALA C 20 11.08 12.07 -4.77
N LEU C 21 10.38 11.23 -4.00
CA LEU C 21 9.56 10.18 -4.61
C LEU C 21 8.41 10.76 -5.42
N LEU C 22 7.74 11.78 -4.88
CA LEU C 22 6.64 12.42 -5.61
C LEU C 22 7.14 13.19 -6.80
N THR C 23 8.32 13.81 -6.69
CA THR C 23 8.93 14.45 -7.84
C THR C 23 9.20 13.45 -8.94
N LEU C 24 9.76 12.30 -8.58
CA LEU C 24 10.00 11.25 -9.57
C LEU C 24 8.69 10.80 -10.21
N ILE C 25 7.68 10.49 -9.38
CA ILE C 25 6.41 9.98 -9.90
C ILE C 25 5.70 11.00 -10.79
N MET C 26 5.61 12.26 -10.37
CA MET C 26 4.85 13.28 -11.08
C MET C 26 5.64 13.97 -12.19
N MET C 27 6.94 13.75 -12.28
CA MET C 27 7.69 14.28 -13.41
C MET C 27 8.02 13.19 -14.42
N GLY C 28 8.15 11.94 -13.98
CA GLY C 28 8.37 10.86 -14.91
C GLY C 28 7.18 10.63 -15.83
N GLY C 29 5.96 10.78 -15.29
CA GLY C 29 4.79 10.64 -16.14
C GLY C 29 4.72 11.71 -17.22
N ARG C 30 4.96 12.97 -16.83
CA ARG C 30 4.94 14.05 -17.82
C ARG C 30 6.11 13.93 -18.79
N LEU C 31 7.26 13.45 -18.30
CA LEU C 31 8.41 13.24 -19.17
C LEU C 31 8.15 12.10 -20.14
N ILE C 32 7.40 11.08 -19.72
CA ILE C 32 7.01 10.00 -20.63
C ILE C 32 6.03 10.52 -21.68
N LYS C 33 5.10 11.38 -21.28
CA LYS C 33 4.22 12.00 -22.27
C LYS C 33 5.01 12.83 -23.28
N TYR C 34 5.97 13.62 -22.78
CA TYR C 34 6.85 14.39 -23.65
C TYR C 34 7.70 13.50 -24.55
N PHE C 35 8.19 12.38 -24.05
CA PHE C 35 8.92 11.41 -24.85
C PHE C 35 8.05 10.76 -25.92
N GLY C 36 6.77 10.52 -25.64
CA GLY C 36 5.85 10.04 -26.64
C GLY C 36 5.65 11.07 -27.73
N VAL C 37 5.48 12.34 -27.33
CA VAL C 37 5.41 13.43 -28.30
C VAL C 37 6.65 13.51 -29.16
N ALA C 38 7.84 13.38 -28.56
CA ALA C 38 9.10 13.35 -29.29
C ALA C 38 9.22 12.17 -30.24
N ALA C 39 8.80 10.98 -29.81
CA ALA C 39 8.78 9.81 -30.67
C ALA C 39 7.79 9.95 -31.81
N GLN C 40 6.76 10.79 -31.66
CA GLN C 40 5.87 11.12 -32.76
C GLN C 40 6.42 12.22 -33.64
N GLY C 41 7.61 12.74 -33.33
CA GLY C 41 8.25 13.74 -34.15
C GLY C 41 7.82 15.17 -33.91
N ARG C 42 6.96 15.41 -32.92
CA ARG C 42 6.46 16.75 -32.63
C ARG C 42 7.30 17.46 -31.57
N LEU C 43 8.42 16.87 -31.17
CA LEU C 43 9.27 17.45 -30.15
C LEU C 43 10.68 16.89 -30.24
N ASP C 44 11.69 17.71 -29.99
CA ASP C 44 13.07 17.22 -30.02
C ASP C 44 13.33 16.32 -28.82
N ALA C 45 13.82 15.12 -29.09
CA ALA C 45 14.07 14.17 -28.01
C ALA C 45 15.21 14.61 -27.11
N GLY C 46 16.15 15.38 -27.64
CA GLY C 46 17.27 15.87 -26.86
C GLY C 46 16.99 17.10 -26.03
N VAL C 47 15.77 17.64 -26.09
CA VAL C 47 15.40 18.85 -25.38
C VAL C 47 14.35 18.58 -24.31
N LEU C 48 13.68 17.43 -24.34
CA LEU C 48 12.63 17.14 -23.36
C LEU C 48 13.17 17.16 -21.94
N PHE C 49 14.45 16.81 -21.75
CA PHE C 49 15.06 16.95 -20.43
C PHE C 49 15.12 18.41 -20.01
N SER C 50 15.44 19.31 -20.94
CA SER C 50 15.39 20.73 -20.63
C SER C 50 13.97 21.17 -20.31
N ILE C 51 12.98 20.61 -21.02
CA ILE C 51 11.59 20.96 -20.76
C ILE C 51 11.20 20.57 -19.33
N ILE C 52 11.57 19.36 -18.91
CA ILE C 52 11.22 18.92 -17.56
C ILE C 52 12.07 19.59 -16.50
N GLY C 53 13.25 20.09 -16.87
CA GLY C 53 14.07 20.82 -15.93
C GLY C 53 13.61 22.25 -15.72
N TYR C 54 13.01 22.84 -16.75
CA TYR C 54 12.44 24.18 -16.61
C TYR C 54 11.08 24.18 -15.94
N ARG C 55 10.43 23.02 -15.84
CA ARG C 55 9.19 22.89 -15.08
C ARG C 55 9.43 22.29 -13.71
N MET C 56 10.69 22.16 -13.30
CA MET C 56 11.02 21.76 -11.92
C MET C 56 10.31 22.64 -10.89
N PRO C 57 10.37 23.98 -10.96
CA PRO C 57 9.67 24.77 -9.94
C PRO C 57 8.17 24.61 -9.97
N GLU C 58 7.58 24.50 -11.17
CA GLU C 58 6.13 24.45 -11.27
C GLU C 58 5.57 23.18 -10.64
N PHE C 59 6.21 22.04 -10.88
CA PHE C 59 5.81 20.81 -10.19
C PHE C 59 6.16 20.87 -8.71
N LEU C 60 7.31 21.45 -8.36
CA LEU C 60 7.69 21.50 -6.96
C LEU C 60 6.74 22.35 -6.12
N THR C 61 6.10 23.35 -6.72
CA THR C 61 5.13 24.16 -5.98
C THR C 61 3.93 23.35 -5.52
N LEU C 62 3.68 22.19 -6.12
CA LEU C 62 2.68 21.27 -5.62
C LEU C 62 3.26 20.12 -4.82
N ILE C 63 4.45 19.64 -5.19
CA ILE C 63 5.09 18.57 -4.44
C ILE C 63 5.49 18.98 -3.04
N LEU C 64 5.95 20.22 -2.84
CA LEU C 64 6.40 20.69 -1.53
C LEU C 64 5.24 20.73 -0.53
N PRO C 65 4.09 21.36 -0.83
CA PRO C 65 2.97 21.29 0.11
C PRO C 65 2.48 19.88 0.36
N LEU C 66 2.43 19.05 -0.67
CA LEU C 66 2.02 17.66 -0.54
C LEU C 66 3.10 16.78 0.09
N GLY C 67 4.36 16.98 -0.28
CA GLY C 67 5.44 16.23 0.35
C GLY C 67 5.55 16.52 1.83
N PHE C 68 5.46 17.78 2.22
CA PHE C 68 5.49 18.13 3.64
C PHE C 68 4.28 17.54 4.36
N PHE C 69 3.11 17.58 3.74
CA PHE C 69 1.91 17.03 4.36
C PHE C 69 2.07 15.53 4.61
N ILE C 70 2.53 14.80 3.60
CA ILE C 70 2.76 13.36 3.76
C ILE C 70 3.86 13.06 4.78
N GLY C 71 4.96 13.80 4.76
CA GLY C 71 6.01 13.59 5.72
C GLY C 71 5.56 13.82 7.15
N LEU C 72 4.76 14.88 7.35
CA LEU C 72 4.15 15.11 8.66
C LEU C 72 3.26 13.95 9.04
N MET C 73 2.43 13.48 8.10
CA MET C 73 1.59 12.33 8.38
C MET C 73 2.41 11.09 8.67
N LEU C 74 3.48 10.86 7.89
CA LEU C 74 4.29 9.67 8.13
C LEU C 74 4.93 9.71 9.52
N VAL C 75 5.47 10.87 9.92
CA VAL C 75 6.10 10.97 11.24
C VAL C 75 5.07 10.77 12.35
N PHE C 76 3.92 11.45 12.25
CA PHE C 76 2.94 11.35 13.32
C PHE C 76 2.31 9.97 13.39
N GLY C 77 2.05 9.36 12.23
CA GLY C 77 1.56 8.00 12.22
C GLY C 77 2.56 7.01 12.77
N ARG C 78 3.85 7.20 12.48
CA ARG C 78 4.87 6.36 13.09
C ARG C 78 4.90 6.54 14.60
N LEU C 79 4.80 7.78 15.07
CA LEU C 79 4.74 8.02 16.51
C LEU C 79 3.56 7.32 17.14
N TYR C 80 2.41 7.30 16.46
CA TYR C 80 1.25 6.62 17.01
C TYR C 80 1.41 5.10 16.98
N VAL C 81 1.97 4.56 15.90
CA VAL C 81 2.02 3.10 15.73
C VAL C 81 2.95 2.47 16.74
N ASP C 82 4.17 2.98 16.88
CA ASP C 82 5.13 2.42 17.82
C ASP C 82 5.01 3.02 19.21
N HIS C 83 3.86 3.58 19.54
CA HIS C 83 3.51 4.02 20.89
C HIS C 83 4.43 5.12 21.41
N GLU C 84 5.11 5.85 20.52
CA GLU C 84 5.86 7.01 20.95
C GLU C 84 4.99 8.22 21.21
N MET C 85 3.74 8.19 20.77
CA MET C 85 2.78 9.25 21.08
C MET C 85 2.06 9.01 22.39
N ALA C 86 1.88 7.74 22.78
CA ALA C 86 1.28 7.45 24.07
C ALA C 86 2.16 7.92 25.22
N VAL C 87 3.47 7.76 25.09
CA VAL C 87 4.39 8.25 26.11
C VAL C 87 4.61 9.75 26.02
N LEU C 88 4.49 10.33 24.83
CA LEU C 88 4.60 11.78 24.71
C LEU C 88 3.36 12.47 25.26
N ASN C 89 2.17 11.96 24.93
CA ASN C 89 0.95 12.45 25.57
C ASN C 89 0.95 12.11 27.06
N GLY C 90 1.44 10.92 27.42
CA GLY C 90 1.53 10.52 28.81
C GLY C 90 2.55 11.28 29.61
N SER C 91 3.37 12.11 28.97
CA SER C 91 4.34 12.95 29.66
C SER C 91 3.93 14.41 29.68
N GLY C 92 2.74 14.74 29.18
CA GLY C 92 2.25 16.11 29.19
C GLY C 92 2.42 16.86 27.90
N ILE C 93 2.95 16.23 26.85
CA ILE C 93 3.17 16.87 25.56
C ILE C 93 2.08 16.39 24.61
N SER C 94 1.20 17.30 24.23
CA SER C 94 0.06 16.95 23.38
C SER C 94 0.49 16.83 21.92
N ARG C 95 -0.41 16.32 21.09
CA ARG C 95 -0.16 16.29 19.65
C ARG C 95 -0.13 17.69 19.07
N ILE C 96 -0.99 18.58 19.57
CA ILE C 96 -0.96 19.97 19.12
C ILE C 96 0.35 20.63 19.52
N ARG C 97 0.87 20.30 20.70
CA ARG C 97 2.16 20.83 21.11
C ARG C 97 3.27 20.34 20.18
N LEU C 98 3.21 19.07 19.78
CA LEU C 98 4.20 18.54 18.84
C LEU C 98 4.10 19.25 17.49
N GLY C 99 2.88 19.52 17.04
CA GLY C 99 2.72 20.28 15.81
C GLY C 99 3.26 21.69 15.91
N GLN C 100 3.03 22.34 17.05
CA GLN C 100 3.52 23.70 17.26
C GLN C 100 5.04 23.72 17.38
N LEU C 101 5.64 22.63 17.86
CA LEU C 101 7.10 22.55 17.89
C LEU C 101 7.71 22.57 16.50
N LEU C 102 6.92 22.29 15.47
CA LEU C 102 7.38 22.25 14.09
C LEU C 102 7.06 23.54 13.35
N ILE C 103 6.59 24.57 14.05
CA ILE C 103 6.31 25.86 13.40
C ILE C 103 7.55 26.44 12.74
N PRO C 104 8.74 26.44 13.35
CA PRO C 104 9.93 26.93 12.62
C PRO C 104 10.20 26.18 11.33
N LEU C 105 10.03 24.86 11.33
CA LEU C 105 10.25 24.09 10.10
C LEU C 105 9.19 24.43 9.05
N ALA C 106 7.95 24.60 9.48
CA ALA C 106 6.90 25.03 8.55
C ALA C 106 7.20 26.39 7.97
N LEU C 107 7.76 27.30 8.78
CA LEU C 107 8.14 28.62 8.29
C LEU C 107 9.30 28.52 7.30
N VAL C 108 10.26 27.62 7.55
CA VAL C 108 11.35 27.43 6.62
C VAL C 108 10.83 26.94 5.27
N PHE C 109 9.95 25.94 5.29
CA PHE C 109 9.36 25.47 4.04
C PHE C 109 8.47 26.53 3.40
N LEU C 110 7.79 27.36 4.19
CA LEU C 110 6.99 28.45 3.62
C LEU C 110 7.88 29.47 2.92
N VAL C 111 9.03 29.80 3.50
CA VAL C 111 9.97 30.69 2.83
C VAL C 111 10.47 30.05 1.54
N ILE C 112 10.76 28.74 1.58
CA ILE C 112 11.20 28.04 0.37
C ILE C 112 10.13 28.13 -0.71
N GLN C 113 8.88 27.84 -0.36
CA GLN C 113 7.81 27.86 -1.36
C GLN C 113 7.54 29.27 -1.86
N GLY C 114 7.71 30.28 -1.00
CA GLY C 114 7.63 31.65 -1.48
C GLY C 114 8.70 31.95 -2.50
N ILE C 115 9.92 31.46 -2.26
CA ILE C 115 11.00 31.63 -3.23
C ILE C 115 10.64 30.96 -4.55
N LEU C 116 10.10 29.74 -4.49
CA LEU C 116 9.71 29.06 -5.72
C LEU C 116 8.60 29.81 -6.45
N MET C 117 7.50 30.12 -5.77
CA MET C 117 6.32 30.65 -6.45
C MET C 117 6.47 32.10 -6.88
N LEU C 118 7.26 32.91 -6.17
CA LEU C 118 7.39 34.31 -6.52
C LEU C 118 8.49 34.55 -7.56
N TRP C 119 9.62 33.85 -7.45
CA TRP C 119 10.73 34.02 -8.36
C TRP C 119 10.96 32.79 -9.22
N MET C 120 11.13 31.63 -8.60
CA MET C 120 11.66 30.46 -9.32
C MET C 120 10.65 29.92 -10.33
N THR C 121 9.39 29.79 -9.92
CA THR C 121 8.36 29.31 -10.84
C THR C 121 8.10 30.25 -12.01
N PRO C 122 7.94 31.57 -11.82
CA PRO C 122 7.76 32.43 -13.01
C PRO C 122 8.94 32.37 -13.97
N TRP C 123 10.17 32.30 -13.45
CA TRP C 123 11.33 32.20 -14.33
C TRP C 123 11.32 30.87 -15.10
N GLY C 124 11.01 29.78 -14.40
CA GLY C 124 10.94 28.49 -15.07
C GLY C 124 9.86 28.46 -16.13
N LEU C 125 8.70 29.06 -15.85
CA LEU C 125 7.63 29.10 -16.83
C LEU C 125 8.01 29.98 -18.02
N ARG C 126 8.72 31.09 -17.78
CA ARG C 126 9.17 31.92 -18.88
C ARG C 126 10.11 31.16 -19.80
N GLN C 127 11.10 30.49 -19.22
CA GLN C 127 12.05 29.72 -20.04
C GLN C 127 11.35 28.58 -20.77
N PHE C 128 10.43 27.89 -20.10
CA PHE C 128 9.70 26.80 -20.73
C PHE C 128 8.79 27.31 -21.85
N ASP C 129 8.15 28.46 -21.67
CA ASP C 129 7.33 29.02 -22.74
C ASP C 129 8.17 29.42 -23.93
N GLN C 130 9.34 30.03 -23.70
CA GLN C 130 10.23 30.35 -24.82
C GLN C 130 10.67 29.09 -25.54
N LEU C 131 11.04 28.05 -24.78
CA LEU C 131 11.49 26.80 -25.40
C LEU C 131 10.36 26.15 -26.20
N SER C 132 9.14 26.15 -25.65
CA SER C 132 8.01 25.56 -26.35
C SER C 132 7.68 26.33 -27.62
N SER C 133 7.76 27.67 -27.57
CA SER C 133 7.56 28.47 -28.78
C SER C 133 8.62 28.15 -29.81
N SER C 134 9.87 27.93 -29.38
CA SER C 134 10.91 27.50 -30.29
C SER C 134 10.61 26.13 -30.89
N GLN C 135 10.04 25.22 -30.10
CA GLN C 135 9.75 23.87 -30.56
C GLN C 135 8.36 23.73 -31.19
N ALA C 136 7.53 24.76 -31.14
CA ALA C 136 6.22 24.72 -31.77
C ALA C 136 6.26 25.14 -33.24
N VAL C 137 7.41 25.59 -33.73
CA VAL C 137 7.54 26.03 -35.11
C VAL C 137 8.11 24.95 -36.02
N ARG C 138 8.57 23.83 -35.46
CA ARG C 138 9.15 22.77 -36.27
C ARG C 138 8.14 22.24 -37.27
N THR C 139 8.58 22.10 -38.52
CA THR C 139 7.72 21.64 -39.60
C THR C 139 8.60 21.02 -40.68
N GLY C 140 7.95 20.26 -41.55
CA GLY C 140 8.67 19.58 -42.61
C GLY C 140 9.25 18.26 -42.16
N PHE C 141 10.48 17.97 -42.59
CA PHE C 141 11.07 16.66 -42.31
C PHE C 141 11.33 16.46 -40.83
N ASP C 142 11.22 17.51 -40.02
CA ASP C 142 11.29 17.34 -38.57
C ASP C 142 10.14 16.49 -38.05
N LEU C 143 8.98 16.56 -38.69
CA LEU C 143 7.79 15.88 -38.21
C LEU C 143 7.56 14.52 -38.86
N VAL C 144 8.49 14.04 -39.68
CA VAL C 144 8.26 12.81 -40.43
C VAL C 144 8.27 11.62 -39.48
N ARG C 145 7.51 10.58 -39.84
CA ARG C 145 7.51 9.31 -39.13
C ARG C 145 7.67 8.18 -40.14
N PRO C 146 8.33 7.08 -39.75
CA PRO C 146 8.57 6.00 -40.70
C PRO C 146 7.27 5.37 -41.19
N LYS C 147 7.23 5.05 -42.48
CA LYS C 147 6.12 4.35 -43.11
C LYS C 147 4.79 5.06 -42.92
N GLU C 148 4.82 6.40 -42.87
CA GLU C 148 3.61 7.19 -42.69
C GLU C 148 3.70 8.45 -43.52
N PHE C 149 2.54 9.01 -43.85
CA PHE C 149 2.44 10.27 -44.56
C PHE C 149 2.09 11.37 -43.57
N ILE C 150 2.97 12.35 -43.44
CA ILE C 150 2.79 13.48 -42.55
C ILE C 150 2.56 14.73 -43.40
N SER C 151 1.47 15.43 -43.14
CA SER C 151 1.10 16.62 -43.89
C SER C 151 1.30 17.84 -43.01
N SER C 152 2.16 18.76 -43.45
CA SER C 152 2.41 20.01 -42.76
C SER C 152 2.39 21.13 -43.79
N GLY C 153 1.39 22.00 -43.71
CA GLY C 153 1.21 23.05 -44.68
C GLY C 153 1.03 22.49 -46.08
N PRO C 154 1.82 23.00 -47.02
CA PRO C 154 1.75 22.48 -48.39
C PRO C 154 2.68 21.30 -48.61
N TYR C 155 3.18 20.70 -47.54
CA TYR C 155 4.17 19.63 -47.62
C TYR C 155 3.53 18.30 -47.21
N THR C 156 3.80 17.26 -47.99
CA THR C 156 3.41 15.90 -47.64
C THR C 156 4.65 15.02 -47.71
N ILE C 157 4.97 14.33 -46.61
CA ILE C 157 6.26 13.67 -46.45
C ILE C 157 6.04 12.22 -46.05
N TYR C 158 6.73 11.31 -46.73
CA TYR C 158 6.70 9.89 -46.41
C TYR C 158 8.12 9.37 -46.34
N ALA C 159 8.44 8.62 -45.29
CA ALA C 159 9.76 8.03 -45.11
C ALA C 159 9.58 6.53 -44.85
N GLY C 160 10.28 5.71 -45.63
CA GLY C 160 10.20 4.27 -45.43
C GLY C 160 10.96 3.77 -44.22
N ASP C 161 11.92 4.56 -43.72
CA ASP C 161 12.71 4.16 -42.56
C ASP C 161 13.27 5.40 -41.91
N LEU C 162 13.67 5.26 -40.65
CA LEU C 162 14.26 6.35 -39.89
C LEU C 162 15.14 5.77 -38.79
N SER C 163 16.26 6.44 -38.52
CA SER C 163 17.19 5.96 -37.51
C SER C 163 16.62 6.20 -36.11
N GLU C 164 17.40 5.83 -35.10
CA GLU C 164 17.01 6.08 -33.73
C GLU C 164 16.85 7.58 -33.47
N ASP C 165 17.78 8.38 -33.96
CA ASP C 165 17.58 9.81 -34.05
C ASP C 165 16.85 10.16 -35.35
N ARG C 166 16.22 11.33 -35.37
CA ARG C 166 15.39 11.74 -36.50
C ARG C 166 16.27 12.25 -37.66
N LYS C 167 17.19 11.39 -38.08
CA LYS C 167 18.07 11.66 -39.20
C LYS C 167 18.21 10.39 -40.03
N ASN C 168 18.86 10.53 -41.18
CA ASN C 168 19.14 9.42 -42.10
C ASN C 168 17.85 8.72 -42.53
N LEU C 169 17.02 9.47 -43.23
CA LEU C 169 15.76 8.92 -43.75
C LEU C 169 16.03 7.99 -44.92
N LYS C 170 15.08 7.08 -45.16
CA LYS C 170 15.15 6.16 -46.29
C LYS C 170 13.81 6.11 -46.98
N ASP C 171 13.84 5.95 -48.30
CA ASP C 171 12.64 5.88 -49.15
C ASP C 171 11.75 7.10 -48.94
N ILE C 172 12.29 8.26 -49.33
CA ILE C 172 11.68 9.54 -49.04
C ILE C 172 10.84 9.98 -50.23
N PHE C 173 9.58 10.33 -49.95
CA PHE C 173 8.67 10.91 -50.93
C PHE C 173 8.17 12.24 -50.39
N PHE C 174 8.36 13.31 -51.17
CA PHE C 174 8.00 14.65 -50.76
C PHE C 174 7.11 15.27 -51.83
N TYR C 175 5.99 15.84 -51.42
CA TYR C 175 5.02 16.44 -52.33
C TYR C 175 4.69 17.84 -51.88
N GLN C 176 4.63 18.76 -52.84
CA GLN C 176 4.28 20.15 -52.58
C GLN C 176 2.78 20.38 -52.77
N ASP C 185 3.37 22.10 -58.38
CA ASP C 185 3.70 21.11 -57.35
C ASP C 185 5.04 20.45 -57.64
N VAL C 186 5.84 20.27 -56.60
CA VAL C 186 7.16 19.66 -56.70
C VAL C 186 7.12 18.33 -55.96
N MET C 187 7.44 17.24 -56.66
CA MET C 187 7.45 15.91 -56.10
C MET C 187 8.86 15.34 -56.21
N ILE C 188 9.45 14.99 -55.07
CA ILE C 188 10.83 14.54 -55.00
C ILE C 188 10.86 13.17 -54.33
N LEU C 189 11.45 12.19 -55.00
CA LEU C 189 11.62 10.85 -54.46
C LEU C 189 13.12 10.57 -54.35
N ALA C 190 13.59 10.35 -53.14
CA ALA C 190 15.01 10.15 -52.87
C ALA C 190 15.23 8.85 -52.13
N LYS C 191 16.33 8.16 -52.48
CA LYS C 191 16.66 6.91 -51.80
C LYS C 191 17.10 7.18 -50.35
N GLU C 192 17.85 8.25 -50.12
CA GLU C 192 18.31 8.58 -48.78
C GLU C 192 18.11 10.06 -48.52
N ALA C 193 18.01 10.42 -47.24
CA ALA C 193 17.93 11.82 -46.85
C ALA C 193 18.40 11.97 -45.42
N THR C 194 19.22 12.99 -45.17
CA THR C 194 19.75 13.28 -43.84
C THR C 194 19.47 14.73 -43.52
N ARG C 195 18.92 14.97 -42.33
CA ARG C 195 18.62 16.33 -41.90
C ARG C 195 19.73 16.89 -41.03
N ASN C 204 14.39 24.34 -42.94
CA ASN C 204 14.94 23.00 -42.78
C ASN C 204 15.93 22.67 -43.89
N VAL C 205 17.15 22.30 -43.50
CA VAL C 205 18.23 21.96 -44.42
C VAL C 205 18.34 20.45 -44.46
N VAL C 206 18.05 19.86 -45.62
CA VAL C 206 18.08 18.40 -45.74
C VAL C 206 18.86 18.01 -46.99
N ASP C 207 19.77 17.05 -46.83
CA ASP C 207 20.57 16.54 -47.94
C ASP C 207 19.96 15.24 -48.43
N LEU C 208 19.52 15.22 -49.69
CA LEU C 208 18.91 14.06 -50.30
C LEU C 208 19.90 13.39 -51.25
N ILE C 209 19.90 12.06 -51.25
CA ILE C 209 20.87 11.25 -52.00
C ILE C 209 20.09 10.29 -52.87
N GLN C 210 20.48 10.20 -54.15
CA GLN C 210 19.85 9.34 -55.16
C GLN C 210 18.37 9.72 -55.33
N GLY C 211 18.17 10.95 -55.82
CA GLY C 211 16.83 11.48 -55.92
C GLY C 211 16.36 11.93 -57.30
N ARG C 212 15.06 12.09 -57.43
CA ARG C 212 14.41 12.55 -58.65
C ARG C 212 13.42 13.64 -58.29
N ARG C 213 13.45 14.74 -59.05
CA ARG C 213 12.57 15.88 -58.84
C ARG C 213 11.66 16.03 -60.05
N TYR C 214 10.38 16.27 -59.79
CA TYR C 214 9.38 16.38 -60.84
C TYR C 214 8.48 17.58 -60.57
N GLU C 215 8.12 18.28 -61.63
CA GLU C 215 7.15 19.36 -61.59
C GLU C 215 5.96 18.99 -62.47
N ILE C 216 4.76 19.05 -61.89
CA ILE C 216 3.55 18.67 -62.59
C ILE C 216 2.72 19.91 -62.94
N TYR C 223 5.28 19.62 -66.74
CA TYR C 223 6.04 18.39 -66.53
C TYR C 223 7.54 18.61 -66.72
N SER C 224 8.27 18.64 -65.62
CA SER C 224 9.72 18.77 -65.63
C SER C 224 10.34 17.65 -64.81
N GLN C 225 11.42 17.06 -65.32
CA GLN C 225 12.09 15.95 -64.67
C GLN C 225 13.57 16.28 -64.47
N ALA C 226 14.10 15.91 -63.32
CA ALA C 226 15.52 16.16 -63.03
C ALA C 226 16.03 15.09 -62.08
N GLU C 227 16.91 14.22 -62.56
CA GLU C 227 17.57 13.25 -61.70
C GLU C 227 18.82 13.87 -61.10
N PHE C 228 19.16 13.43 -59.88
CA PHE C 228 20.33 13.98 -59.21
C PHE C 228 20.86 12.96 -58.22
N GLN C 229 22.19 12.90 -58.11
CA GLN C 229 22.83 12.05 -57.11
C GLN C 229 22.74 12.66 -55.72
N ARG C 230 22.83 13.98 -55.61
CA ARG C 230 22.72 14.66 -54.33
C ARG C 230 22.02 15.99 -54.52
N TYR C 231 21.36 16.45 -53.46
CA TYR C 231 20.59 17.68 -53.52
C TYR C 231 20.45 18.25 -52.11
N ARG C 232 20.27 19.56 -52.02
CA ARG C 232 20.07 20.25 -50.76
C ARG C 232 18.72 20.96 -50.81
N LEU C 233 17.84 20.60 -49.89
CA LEU C 233 16.47 21.10 -49.88
C LEU C 233 16.26 21.99 -48.67
N ARG C 234 15.54 23.10 -48.89
CA ARG C 234 15.41 24.22 -47.96
C ARG C 234 13.95 24.62 -47.81
N LEU C 235 13.07 23.65 -47.56
CA LEU C 235 11.65 23.93 -47.42
C LEU C 235 11.38 24.79 -46.20
N LYS C 247 2.84 35.19 -21.51
CA LYS C 247 1.77 34.67 -20.66
C LYS C 247 1.83 35.31 -19.28
N VAL C 248 0.67 35.42 -18.63
CA VAL C 248 0.61 36.00 -17.29
C VAL C 248 1.30 35.13 -16.26
N GLU C 249 1.25 33.80 -16.43
CA GLU C 249 1.85 32.89 -15.46
C GLU C 249 3.38 33.03 -15.41
N ALA C 250 4.00 33.54 -16.46
CA ALA C 250 5.45 33.65 -16.52
C ALA C 250 5.96 35.06 -16.30
N LEU C 251 5.09 36.03 -16.05
CA LEU C 251 5.53 37.39 -15.82
C LEU C 251 6.29 37.48 -14.49
N PRO C 252 7.32 38.31 -14.40
CA PRO C 252 8.05 38.44 -13.13
C PRO C 252 7.18 39.04 -12.05
N SER C 253 7.47 38.67 -10.80
CA SER C 253 6.72 39.20 -9.68
C SER C 253 6.89 40.71 -9.54
N SER C 254 8.02 41.25 -10.00
CA SER C 254 8.23 42.69 -9.96
C SER C 254 7.21 43.41 -10.85
N LYS C 255 6.89 42.83 -12.00
CA LYS C 255 5.93 43.42 -12.91
C LYS C 255 4.48 43.14 -12.51
N LEU C 256 4.25 42.21 -11.58
CA LEU C 256 2.90 41.89 -11.14
C LEU C 256 2.59 42.35 -9.73
N TRP C 257 3.56 42.94 -9.02
CA TRP C 257 3.28 43.43 -7.67
C TRP C 257 2.22 44.53 -7.71
N ASN C 258 2.30 45.41 -8.68
CA ASN C 258 1.27 46.42 -8.91
C ASN C 258 0.19 45.83 -9.81
N LYS C 259 -0.69 46.69 -10.33
CA LYS C 259 -1.76 46.28 -11.25
C LYS C 259 -2.69 45.24 -10.63
N TRP C 260 -3.06 45.44 -9.36
CA TRP C 260 -4.02 44.54 -8.72
C TRP C 260 -5.43 44.72 -9.26
N ASN C 261 -5.68 45.78 -10.04
CA ASN C 261 -7.00 46.00 -10.60
C ASN C 261 -7.33 44.98 -11.69
N ASP C 262 -6.34 44.60 -12.49
CA ASP C 262 -6.54 43.63 -13.55
C ASP C 262 -6.90 42.28 -12.95
N PRO C 263 -8.07 41.71 -13.27
CA PRO C 263 -8.45 40.43 -12.64
C PRO C 263 -7.47 39.30 -12.88
N VAL C 264 -6.89 39.20 -14.08
CA VAL C 264 -5.92 38.13 -14.35
C VAL C 264 -4.65 38.36 -13.56
N ILE C 265 -4.13 39.60 -13.58
CA ILE C 265 -2.94 39.93 -12.82
C ILE C 265 -3.20 39.76 -11.33
N ALA C 266 -4.37 40.20 -10.87
CA ALA C 266 -4.72 40.05 -9.45
C ALA C 266 -4.75 38.58 -9.06
N SER C 267 -5.37 37.74 -9.89
CA SER C 267 -5.44 36.31 -9.59
C SER C 267 -4.05 35.70 -9.52
N GLU C 268 -3.21 36.00 -10.52
CA GLU C 268 -1.87 35.41 -10.54
C GLU C 268 -1.04 35.87 -9.36
N MET C 269 -1.10 37.16 -9.03
CA MET C 269 -0.25 37.67 -7.95
C MET C 269 -0.75 37.20 -6.60
N GLY C 270 -2.06 37.14 -6.40
CA GLY C 270 -2.60 36.58 -5.17
C GLY C 270 -2.29 35.11 -5.03
N TRP C 271 -2.29 34.37 -6.14
CA TRP C 271 -1.85 32.98 -6.11
C TRP C 271 -0.38 32.88 -5.70
N ARG C 272 0.44 33.79 -6.21
CA ARG C 272 1.86 33.78 -5.85
C ARG C 272 2.10 34.21 -4.41
N VAL C 273 1.18 34.97 -3.83
CA VAL C 273 1.33 35.46 -2.46
C VAL C 273 0.62 34.55 -1.45
N PHE C 274 -0.64 34.22 -1.71
CA PHE C 274 -1.43 33.39 -0.81
C PHE C 274 -1.29 31.90 -1.11
N GLY C 275 -0.41 31.54 -2.04
CA GLY C 275 -0.14 30.16 -2.34
C GLY C 275 0.89 29.51 -1.43
N PRO C 276 2.00 30.21 -1.12
CA PRO C 276 3.00 29.62 -0.22
C PRO C 276 2.48 29.36 1.18
N PHE C 277 1.28 29.87 1.50
CA PHE C 277 0.65 29.64 2.79
C PHE C 277 -0.11 28.32 2.83
N THR C 278 0.15 27.44 1.87
CA THR C 278 -0.39 26.08 1.91
C THR C 278 0.46 25.14 2.73
N ILE C 279 1.63 25.59 3.19
CA ILE C 279 2.47 24.81 4.09
C ILE C 279 2.08 25.04 5.55
N VAL C 280 1.52 26.20 5.87
CA VAL C 280 0.87 26.38 7.16
C VAL C 280 -0.42 25.58 7.29
N ILE C 281 -1.25 25.51 6.25
CA ILE C 281 -2.43 24.64 6.27
C ILE C 281 -2.07 23.17 6.18
N ALA C 282 -0.94 22.83 5.55
CA ALA C 282 -0.47 21.46 5.54
C ALA C 282 0.17 21.04 6.86
N LEU C 283 0.41 22.00 7.77
CA LEU C 283 0.98 21.70 9.08
C LEU C 283 -0.12 21.45 10.12
N MET C 284 -1.12 22.32 10.17
CA MET C 284 -2.16 22.19 11.18
C MET C 284 -3.25 21.20 10.78
N MET C 285 -3.24 20.72 9.54
CA MET C 285 -4.20 19.70 9.13
C MET C 285 -3.60 18.29 9.17
N ALA C 286 -2.34 18.13 8.79
CA ALA C 286 -1.67 16.86 8.98
C ALA C 286 -1.59 16.48 10.45
N VAL C 287 -1.57 17.48 11.33
CA VAL C 287 -1.66 17.21 12.76
C VAL C 287 -3.06 16.70 13.11
N ALA C 288 -4.08 17.23 12.45
CA ALA C 288 -5.45 16.86 12.79
C ALA C 288 -5.80 15.45 12.32
N LEU C 289 -5.32 15.05 11.15
CA LEU C 289 -5.71 13.79 10.51
C LEU C 289 -4.62 12.73 10.60
N CYS C 290 -3.93 12.63 11.73
CA CYS C 290 -2.85 11.66 11.89
C CYS C 290 -3.10 10.63 12.98
N GLU C 291 -4.22 10.70 13.69
CA GLU C 291 -4.49 9.77 14.79
C GLU C 291 -4.85 8.40 14.23
N VAL C 292 -3.90 7.47 14.25
CA VAL C 292 -4.11 6.12 13.74
C VAL C 292 -3.67 5.11 14.80
N SER C 293 -4.43 4.02 14.93
CA SER C 293 -4.10 2.98 15.88
C SER C 293 -2.85 2.23 15.42
N PRO C 294 -2.10 1.64 16.36
CA PRO C 294 -0.93 0.84 15.95
C PRO C 294 -1.26 -0.27 14.98
N ARG C 295 -2.39 -0.95 15.18
CA ARG C 295 -2.81 -1.97 14.22
C ARG C 295 -3.28 -1.34 12.91
N GLN C 296 -3.84 -0.14 12.97
CA GLN C 296 -4.39 0.50 11.78
C GLN C 296 -3.30 0.76 10.75
N GLY C 297 -2.13 1.19 11.19
CA GLY C 297 -0.98 1.35 10.33
C GLY C 297 -0.55 2.80 10.20
N ARG C 298 0.70 2.96 9.75
CA ARG C 298 1.26 4.27 9.52
C ARG C 298 0.71 4.93 8.26
N TYR C 299 0.40 4.14 7.24
CA TYR C 299 -0.06 4.64 5.95
C TYR C 299 -1.57 4.54 5.78
N TYR C 300 -2.30 4.24 6.84
CA TYR C 300 -3.73 3.99 6.70
C TYR C 300 -4.49 5.26 6.32
N ARG C 301 -4.20 6.38 6.98
CA ARG C 301 -4.96 7.60 6.83
C ARG C 301 -4.41 8.51 5.74
N LEU C 302 -3.37 8.07 5.01
CA LEU C 302 -2.78 8.93 3.99
C LEU C 302 -3.78 9.26 2.89
N ILE C 303 -4.41 8.24 2.31
CA ILE C 303 -5.26 8.48 1.12
C ILE C 303 -6.42 9.41 1.41
N PRO C 304 -7.22 9.21 2.47
CA PRO C 304 -8.29 10.20 2.75
C PRO C 304 -7.77 11.61 2.98
N ALA C 305 -6.69 11.76 3.75
CA ALA C 305 -6.18 13.09 4.02
C ALA C 305 -5.41 13.68 2.83
N ILE C 306 -4.74 12.82 2.05
CA ILE C 306 -4.20 13.31 0.79
C ILE C 306 -5.30 13.82 -0.11
N PHE C 307 -6.46 13.15 -0.14
CA PHE C 307 -7.60 13.66 -0.88
C PHE C 307 -8.15 14.96 -0.29
N ILE C 308 -8.14 15.11 1.03
CA ILE C 308 -8.56 16.38 1.63
C ILE C 308 -7.63 17.51 1.22
N PHE C 309 -6.32 17.28 1.24
CA PHE C 309 -5.37 18.29 0.79
C PHE C 309 -5.55 18.59 -0.70
N ALA C 310 -5.82 17.56 -1.50
CA ALA C 310 -6.11 17.76 -2.91
C ALA C 310 -7.38 18.58 -3.09
N SER C 311 -8.38 18.38 -2.24
CA SER C 311 -9.58 19.21 -2.29
C SER C 311 -9.26 20.66 -1.97
N LEU C 312 -8.41 20.88 -0.96
CA LEU C 312 -7.97 22.25 -0.65
C LEU C 312 -7.32 22.89 -1.86
N ILE C 313 -6.38 22.19 -2.49
CA ILE C 313 -5.68 22.73 -3.65
C ILE C 313 -6.60 22.91 -4.85
N VAL C 314 -7.53 22.00 -5.09
CA VAL C 314 -8.52 22.15 -6.15
C VAL C 314 -9.42 23.36 -5.93
N LEU C 315 -9.85 23.59 -4.69
CA LEU C 315 -10.57 24.83 -4.38
C LEU C 315 -9.71 26.05 -4.61
N LEU C 316 -8.43 26.01 -4.24
CA LEU C 316 -7.51 27.11 -4.48
C LEU C 316 -7.22 27.36 -5.95
N ILE C 317 -7.47 26.37 -6.81
CA ILE C 317 -7.32 26.54 -8.25
C ILE C 317 -8.62 27.00 -8.91
N ALA C 318 -9.77 26.47 -8.49
CA ALA C 318 -11.05 27.01 -8.95
C ALA C 318 -11.21 28.47 -8.58
N ILE C 319 -10.81 28.84 -7.36
CA ILE C 319 -10.85 30.25 -6.95
C ILE C 319 -9.92 31.09 -7.82
N ARG C 320 -8.72 30.57 -8.12
CA ARG C 320 -7.80 31.29 -8.98
C ARG C 320 -8.41 31.55 -10.35
N THR C 321 -9.04 30.53 -10.93
CA THR C 321 -9.68 30.69 -12.23
C THR C 321 -10.84 31.69 -12.15
N ARG C 322 -11.65 31.62 -11.08
CA ARG C 322 -12.76 32.54 -10.94
C ARG C 322 -12.28 33.98 -10.83
N ILE C 323 -11.20 34.22 -10.09
CA ILE C 323 -10.62 35.56 -10.03
C ILE C 323 -10.09 35.97 -11.39
N SER C 324 -9.49 35.03 -12.13
CA SER C 324 -9.00 35.34 -13.47
C SER C 324 -10.14 35.74 -14.40
N ARG C 325 -11.34 35.20 -14.19
CA ARG C 325 -12.51 35.58 -14.98
C ARG C 325 -13.23 36.80 -14.42
N ASP C 326 -12.68 37.42 -13.38
CA ASP C 326 -13.30 38.59 -12.73
C ASP C 326 -14.70 38.21 -12.25
N GLU C 327 -14.75 37.26 -11.30
CA GLU C 327 -16.01 36.84 -10.72
C GLU C 327 -15.97 36.69 -9.21
N LEU C 328 -14.80 36.67 -8.59
CA LEU C 328 -14.74 36.33 -7.16
C LEU C 328 -13.93 37.31 -6.33
N GLY C 329 -12.82 37.82 -6.85
CA GLY C 329 -11.99 38.74 -6.11
C GLY C 329 -10.91 38.03 -5.30
N VAL C 330 -9.84 38.78 -5.03
CA VAL C 330 -8.66 38.22 -4.36
C VAL C 330 -8.95 37.81 -2.92
N TRP C 331 -9.99 38.38 -2.30
CA TRP C 331 -10.26 38.10 -0.89
C TRP C 331 -10.50 36.62 -0.63
N ALA C 332 -10.86 35.86 -1.67
CA ALA C 332 -11.12 34.43 -1.50
C ALA C 332 -9.87 33.61 -1.32
N TYR C 333 -8.68 34.16 -1.63
CA TYR C 333 -7.45 33.40 -1.40
C TYR C 333 -7.21 33.11 0.07
N PRO C 334 -7.13 34.10 0.97
CA PRO C 334 -6.91 33.75 2.38
C PRO C 334 -8.08 33.00 2.99
N ALA C 335 -9.32 33.37 2.64
CA ALA C 335 -10.49 32.74 3.24
C ALA C 335 -10.50 31.24 2.94
N ALA C 336 -10.22 30.86 1.70
CA ALA C 336 -10.15 29.45 1.34
C ALA C 336 -9.11 28.73 2.19
N LEU C 337 -8.02 29.41 2.54
CA LEU C 337 -7.08 28.85 3.48
C LEU C 337 -7.66 28.84 4.89
N ALA C 338 -8.24 29.96 5.31
CA ALA C 338 -8.76 30.06 6.68
C ALA C 338 -9.85 29.03 6.93
N VAL C 339 -10.73 28.83 5.95
CA VAL C 339 -11.76 27.80 6.07
C VAL C 339 -11.11 26.44 6.31
N TYR C 340 -10.05 26.14 5.57
CA TYR C 340 -9.31 24.92 5.83
C TYR C 340 -8.41 25.05 7.05
N GLY C 341 -7.97 26.28 7.36
CA GLY C 341 -7.18 26.48 8.56
C GLY C 341 -7.99 26.26 9.82
N ILE C 342 -9.21 26.79 9.87
CA ILE C 342 -10.04 26.63 11.06
C ILE C 342 -10.57 25.21 11.17
N ALA C 343 -11.11 24.69 10.06
CA ALA C 343 -11.74 23.37 10.11
C ALA C 343 -10.75 22.29 10.53
N ALA C 344 -9.51 22.39 10.07
CA ALA C 344 -8.47 21.49 10.56
C ALA C 344 -8.21 21.71 12.05
N ALA C 345 -8.05 22.96 12.46
CA ALA C 345 -7.71 23.25 13.85
C ALA C 345 -8.79 22.74 14.79
N LEU C 346 -10.06 23.00 14.45
CA LEU C 346 -11.16 22.45 15.25
C LEU C 346 -11.09 20.93 15.30
N PHE C 347 -10.77 20.29 14.18
CA PHE C 347 -10.63 18.84 14.18
C PHE C 347 -9.50 18.39 15.08
N SER C 348 -8.48 19.23 15.24
CA SER C 348 -7.38 18.90 16.14
C SER C 348 -7.72 19.16 17.60
N ARG C 349 -8.85 19.78 17.88
CA ARG C 349 -9.25 20.14 19.24
C ARG C 349 -10.68 19.68 19.50
N LYS C 350 -10.98 18.44 19.16
CA LYS C 350 -12.30 17.88 19.39
C LYS C 350 -12.27 16.87 20.55
N ARG D 5 -13.28 -26.90 -2.89
CA ARG D 5 -14.21 -26.03 -3.61
C ARG D 5 -14.64 -24.84 -2.75
N ILE D 6 -14.92 -25.09 -1.48
CA ILE D 6 -15.36 -24.02 -0.59
C ILE D 6 -14.24 -23.00 -0.39
N VAL D 7 -13.01 -23.48 -0.21
CA VAL D 7 -11.87 -22.56 -0.11
C VAL D 7 -11.70 -21.80 -1.41
N ALA D 8 -11.80 -22.51 -2.54
CA ALA D 8 -11.65 -21.85 -3.84
C ALA D 8 -12.74 -20.81 -4.05
N LYS D 9 -13.99 -21.17 -3.73
CA LYS D 9 -15.08 -20.22 -3.89
C LYS D 9 -14.89 -19.02 -2.98
N HIS D 10 -14.46 -19.24 -1.74
CA HIS D 10 -14.26 -18.13 -0.81
C HIS D 10 -13.18 -17.18 -1.30
N VAL D 11 -12.02 -17.73 -1.70
CA VAL D 11 -10.93 -16.88 -2.16
C VAL D 11 -11.32 -16.14 -3.42
N THR D 12 -11.94 -16.84 -4.38
CA THR D 12 -12.32 -16.21 -5.63
C THR D 12 -13.36 -15.12 -5.41
N LYS D 13 -14.36 -15.38 -4.55
CA LYS D 13 -15.39 -14.38 -4.30
C LYS D 13 -14.82 -13.16 -3.59
N THR D 14 -13.98 -13.37 -2.58
CA THR D 14 -13.40 -12.23 -1.87
C THR D 14 -12.53 -11.39 -2.79
N THR D 15 -11.69 -12.05 -3.59
CA THR D 15 -10.81 -11.31 -4.49
C THR D 15 -11.58 -10.62 -5.60
N ALA D 16 -12.65 -11.26 -6.10
CA ALA D 16 -13.48 -10.63 -7.12
C ALA D 16 -14.22 -9.42 -6.56
N LEU D 17 -14.72 -9.52 -5.33
CA LEU D 17 -15.35 -8.36 -4.70
C LEU D 17 -14.35 -7.24 -4.52
N ALA D 18 -13.12 -7.56 -4.11
CA ALA D 18 -12.10 -6.53 -3.96
C ALA D 18 -11.78 -5.87 -5.30
N MET D 19 -11.63 -6.68 -6.36
CA MET D 19 -11.37 -6.11 -7.68
C MET D 19 -12.52 -5.24 -8.17
N LEU D 20 -13.76 -5.69 -7.97
CA LEU D 20 -14.91 -4.90 -8.43
C LEU D 20 -15.04 -3.60 -7.64
N GLY D 21 -14.81 -3.65 -6.33
CA GLY D 21 -14.86 -2.43 -5.54
C GLY D 21 -13.77 -1.44 -5.95
N THR D 22 -12.54 -1.94 -6.13
CA THR D 22 -11.46 -1.06 -6.59
C THR D 22 -11.77 -0.52 -7.98
N THR D 23 -12.35 -1.33 -8.85
CA THR D 23 -12.73 -0.89 -10.18
C THR D 23 -13.74 0.25 -10.13
N ILE D 24 -14.80 0.08 -9.35
CA ILE D 24 -15.81 1.14 -9.24
C ILE D 24 -15.20 2.40 -8.65
N VAL D 25 -14.40 2.25 -7.60
CA VAL D 25 -13.79 3.40 -6.96
C VAL D 25 -12.89 4.16 -7.94
N LEU D 26 -12.04 3.43 -8.66
CA LEU D 26 -11.12 4.08 -9.60
C LEU D 26 -11.84 4.69 -10.79
N VAL D 27 -12.89 4.04 -11.31
CA VAL D 27 -13.65 4.62 -12.41
C VAL D 27 -14.34 5.90 -11.96
N ILE D 28 -14.92 5.89 -10.76
CA ILE D 28 -15.57 7.10 -10.25
C ILE D 28 -14.55 8.21 -10.04
N LEU D 29 -13.39 7.87 -9.45
CA LEU D 29 -12.34 8.83 -9.15
C LEU D 29 -11.65 9.36 -10.41
N GLN D 30 -11.70 8.62 -11.52
CA GLN D 30 -11.20 9.15 -12.78
C GLN D 30 -12.25 9.95 -13.53
N VAL D 31 -13.53 9.58 -13.44
CA VAL D 31 -14.57 10.39 -14.06
C VAL D 31 -14.63 11.76 -13.41
N LEU D 32 -14.62 11.80 -12.06
CA LEU D 32 -14.71 13.06 -11.34
C LEU D 32 -13.39 13.81 -11.28
N PHE D 33 -12.31 13.24 -11.81
CA PHE D 33 -11.06 13.97 -11.94
C PHE D 33 -10.81 14.43 -13.36
N THR D 34 -11.33 13.73 -14.38
CA THR D 34 -11.35 14.20 -15.74
C THR D 34 -12.40 15.29 -15.94
N TYR D 35 -13.49 15.25 -15.19
CA TYR D 35 -14.47 16.33 -15.25
C TYR D 35 -13.87 17.64 -14.78
N LEU D 36 -13.01 17.59 -13.75
CA LEU D 36 -12.34 18.81 -13.30
C LEU D 36 -11.47 19.41 -14.39
N GLY D 37 -10.71 18.56 -15.09
CA GLY D 37 -9.88 19.05 -16.18
C GLY D 37 -10.70 19.57 -17.35
N GLU D 38 -11.83 18.93 -17.63
CA GLU D 38 -12.69 19.30 -18.74
C GLU D 38 -13.51 20.55 -18.45
N LEU D 39 -13.74 20.88 -17.18
CA LEU D 39 -14.50 22.07 -16.83
C LEU D 39 -13.78 23.36 -17.21
N SER D 40 -12.50 23.30 -17.52
CA SER D 40 -11.76 24.46 -18.00
C SER D 40 -11.84 24.63 -19.52
N ASN D 41 -12.48 23.70 -20.22
CA ASN D 41 -12.63 23.75 -21.67
C ASN D 41 -14.02 24.21 -22.08
N LEU D 42 -14.81 24.71 -21.14
CA LEU D 42 -16.17 25.12 -21.44
C LEU D 42 -16.18 26.35 -22.35
N LYS D 43 -17.18 26.41 -23.21
CA LYS D 43 -17.37 27.54 -24.11
C LYS D 43 -18.87 27.70 -24.35
N ALA D 44 -19.22 28.48 -25.38
CA ALA D 44 -20.63 28.75 -25.66
C ALA D 44 -21.38 27.47 -26.03
N ASP D 45 -20.78 26.65 -26.90
CA ASP D 45 -21.42 25.42 -27.37
C ASP D 45 -21.04 24.20 -26.55
N TYR D 46 -20.22 24.35 -25.51
CA TYR D 46 -19.74 23.25 -24.69
C TYR D 46 -20.01 23.63 -23.23
N SER D 47 -21.21 23.33 -22.75
CA SER D 47 -21.60 23.69 -21.40
C SER D 47 -21.09 22.63 -20.41
N ALA D 48 -21.40 22.83 -19.13
CA ALA D 48 -20.99 21.87 -18.10
C ALA D 48 -21.66 20.53 -18.32
N TRP D 49 -22.93 20.52 -18.73
CA TRP D 49 -23.62 19.27 -19.01
C TRP D 49 -22.99 18.55 -20.19
N GLN D 50 -22.58 19.29 -21.22
CA GLN D 50 -21.92 18.67 -22.36
C GLN D 50 -20.59 18.04 -21.94
N ALA D 51 -19.83 18.73 -21.09
CA ALA D 51 -18.58 18.16 -20.59
C ALA D 51 -18.82 16.92 -19.74
N PHE D 52 -19.86 16.95 -18.90
CA PHE D 52 -20.18 15.76 -18.10
C PHE D 52 -20.57 14.60 -18.99
N LEU D 53 -21.36 14.85 -20.04
CA LEU D 53 -21.73 13.80 -20.97
C LEU D 53 -20.51 13.26 -21.70
N TYR D 54 -19.58 14.13 -22.11
CA TYR D 54 -18.35 13.68 -22.74
C TYR D 54 -17.50 12.82 -21.82
N VAL D 55 -17.38 13.20 -20.55
CA VAL D 55 -16.62 12.39 -19.60
C VAL D 55 -17.32 11.06 -19.35
N LEU D 56 -18.65 11.08 -19.19
CA LEU D 56 -19.39 9.85 -18.90
C LEU D 56 -19.34 8.88 -20.07
N TRP D 57 -19.42 9.40 -21.30
CA TRP D 57 -19.32 8.53 -22.47
C TRP D 57 -17.94 7.90 -22.58
N GLY D 58 -16.92 8.56 -22.03
CA GLY D 58 -15.59 7.99 -21.98
C GLY D 58 -15.36 7.05 -20.83
N ALA D 59 -16.37 6.81 -19.99
CA ALA D 59 -16.21 5.90 -18.87
C ALA D 59 -15.80 4.49 -19.29
N PRO D 60 -16.33 3.89 -20.36
CA PRO D 60 -15.80 2.58 -20.78
C PRO D 60 -14.31 2.60 -21.11
N ARG D 61 -13.80 3.67 -21.72
CA ARG D 61 -12.36 3.74 -21.98
C ARG D 61 -11.56 3.85 -20.70
N TYR D 62 -12.03 4.67 -19.74
CA TYR D 62 -11.35 4.74 -18.45
C TYR D 62 -11.36 3.39 -17.75
N LEU D 63 -12.49 2.67 -17.83
CA LEU D 63 -12.58 1.34 -17.25
C LEU D 63 -11.60 0.39 -17.90
N TYR D 64 -11.48 0.45 -19.23
CA TYR D 64 -10.55 -0.43 -19.94
C TYR D 64 -9.11 -0.13 -19.56
N GLU D 65 -8.76 1.15 -19.40
CA GLU D 65 -7.41 1.53 -18.99
C GLU D 65 -7.16 1.35 -17.50
N ILE D 66 -8.20 1.17 -16.70
CA ILE D 66 -8.06 0.93 -15.26
C ILE D 66 -8.00 -0.56 -14.92
N LEU D 67 -8.61 -1.42 -15.74
CA LEU D 67 -8.70 -2.84 -15.37
C LEU D 67 -7.38 -3.48 -14.97
N PRO D 68 -6.23 -3.20 -15.60
CA PRO D 68 -4.97 -3.77 -15.06
C PRO D 68 -4.65 -3.31 -13.65
N ILE D 69 -4.58 -2.00 -13.42
CA ILE D 69 -4.28 -1.50 -12.08
C ILE D 69 -5.40 -1.85 -11.11
N SER D 70 -6.65 -1.86 -11.59
CA SER D 70 -7.77 -2.27 -10.74
C SER D 70 -7.61 -3.71 -10.26
N ALA D 71 -7.24 -4.61 -11.17
CA ALA D 71 -7.03 -6.01 -10.79
C ALA D 71 -5.85 -6.13 -9.84
N LEU D 72 -4.77 -5.39 -10.09
CA LEU D 72 -3.62 -5.44 -9.20
C LEU D 72 -3.99 -5.01 -7.79
N ILE D 73 -4.65 -3.86 -7.66
CA ILE D 73 -5.02 -3.35 -6.34
C ILE D 73 -6.06 -4.25 -5.68
N GLY D 74 -7.00 -4.78 -6.47
CA GLY D 74 -7.98 -5.68 -5.89
C GLY D 74 -7.38 -6.95 -5.35
N ALA D 75 -6.45 -7.55 -6.10
CA ALA D 75 -5.75 -8.72 -5.61
C ALA D 75 -4.95 -8.40 -4.35
N ILE D 76 -4.27 -7.24 -4.35
CA ILE D 76 -3.51 -6.83 -3.17
C ILE D 76 -4.43 -6.73 -1.95
N LEU D 77 -5.55 -6.02 -2.11
CA LEU D 77 -6.44 -5.79 -0.97
C LEU D 77 -7.10 -7.09 -0.50
N GLY D 78 -7.58 -7.92 -1.43
CA GLY D 78 -8.22 -9.16 -1.02
C GLY D 78 -7.27 -10.12 -0.35
N LEU D 79 -6.09 -10.33 -0.94
CA LEU D 79 -5.12 -11.22 -0.33
C LEU D 79 -4.59 -10.64 0.98
N GLY D 80 -4.52 -9.32 1.10
CA GLY D 80 -4.15 -8.72 2.37
C GLY D 80 -5.21 -8.94 3.44
N THR D 81 -6.49 -8.88 3.05
CA THR D 81 -7.56 -9.16 3.98
C THR D 81 -7.49 -10.61 4.45
N LEU D 82 -7.22 -11.55 3.54
CA LEU D 82 -7.07 -12.94 3.94
C LEU D 82 -5.83 -13.14 4.81
N ALA D 83 -4.71 -12.50 4.47
CA ALA D 83 -3.46 -12.75 5.18
C ALA D 83 -3.48 -12.13 6.57
N SER D 84 -3.94 -10.88 6.68
CA SER D 84 -4.01 -10.22 7.98
C SER D 84 -4.98 -10.94 8.92
N ASN D 85 -5.94 -11.68 8.38
CA ASN D 85 -6.80 -12.54 9.19
C ASN D 85 -6.22 -13.94 9.36
N SER D 86 -4.99 -14.16 8.91
CA SER D 86 -4.29 -15.44 9.04
C SER D 86 -5.04 -16.57 8.36
N GLU D 87 -5.73 -16.27 7.26
CA GLU D 87 -6.42 -17.29 6.49
C GLU D 87 -5.52 -18.00 5.49
N LEU D 88 -4.58 -17.26 4.89
CA LEU D 88 -3.63 -17.89 3.97
C LEU D 88 -2.68 -18.82 4.73
N ILE D 89 -2.34 -18.47 5.97
CA ILE D 89 -1.46 -19.32 6.76
C ILE D 89 -2.11 -20.67 7.03
N VAL D 90 -3.37 -20.68 7.43
CA VAL D 90 -4.04 -21.95 7.67
C VAL D 90 -4.34 -22.67 6.35
N MET D 91 -4.56 -21.92 5.28
CA MET D 91 -4.72 -22.55 3.97
C MET D 91 -3.46 -23.32 3.58
N ARG D 92 -2.29 -22.74 3.85
CA ARG D 92 -1.05 -23.49 3.66
C ARG D 92 -0.94 -24.64 4.65
N SER D 93 -1.35 -24.42 5.91
CA SER D 93 -1.22 -25.42 6.96
C SER D 93 -2.13 -26.62 6.75
N VAL D 94 -3.13 -26.52 5.88
CA VAL D 94 -4.00 -27.66 5.59
C VAL D 94 -3.61 -28.40 4.33
N GLY D 95 -2.70 -27.86 3.54
CA GLY D 95 -2.22 -28.51 2.34
C GLY D 95 -2.53 -27.82 1.02
N ILE D 96 -2.82 -26.52 1.03
CA ILE D 96 -3.10 -25.76 -0.17
C ILE D 96 -1.87 -24.95 -0.52
N SER D 97 -1.33 -25.18 -1.71
CA SER D 97 -0.07 -24.54 -2.10
C SER D 97 -0.29 -23.06 -2.39
N LEU D 98 0.83 -22.32 -2.45
CA LEU D 98 0.77 -20.93 -2.86
C LEU D 98 0.27 -20.79 -4.28
N TRP D 99 0.72 -21.68 -5.18
CA TRP D 99 0.29 -21.61 -6.56
C TRP D 99 -1.19 -21.90 -6.73
N ARG D 100 -1.78 -22.70 -5.83
CA ARG D 100 -3.21 -22.93 -5.90
C ARG D 100 -4.00 -21.66 -5.54
N ILE D 101 -3.56 -20.95 -4.51
CA ILE D 101 -4.21 -19.69 -4.17
C ILE D 101 -4.02 -18.67 -5.27
N VAL D 102 -2.83 -18.63 -5.87
CA VAL D 102 -2.58 -17.74 -7.00
C VAL D 102 -3.48 -18.11 -8.16
N GLY D 103 -3.69 -19.40 -8.40
CA GLY D 103 -4.59 -19.82 -9.46
C GLY D 103 -6.04 -19.42 -9.18
N TRP D 104 -6.45 -19.48 -7.92
CA TRP D 104 -7.79 -18.99 -7.57
C TRP D 104 -7.92 -17.49 -7.83
N VAL D 105 -6.89 -16.73 -7.47
CA VAL D 105 -6.94 -15.29 -7.71
C VAL D 105 -6.91 -14.99 -9.21
N ILE D 106 -6.19 -15.79 -9.98
CA ILE D 106 -6.18 -15.63 -11.44
C ILE D 106 -7.54 -15.98 -12.02
N ARG D 107 -8.21 -17.00 -11.48
CA ARG D 107 -9.57 -17.30 -11.87
C ARG D 107 -10.49 -16.11 -11.60
N SER D 108 -10.29 -15.46 -10.46
CA SER D 108 -11.04 -14.24 -10.15
C SER D 108 -10.75 -13.13 -11.16
N ALA D 109 -9.48 -12.99 -11.54
CA ALA D 109 -9.11 -11.92 -12.47
C ALA D 109 -9.53 -12.22 -13.90
N LEU D 110 -9.85 -13.49 -14.19
CA LEU D 110 -10.36 -13.82 -15.53
C LEU D 110 -11.68 -13.11 -15.81
N VAL D 111 -12.46 -12.80 -14.78
CA VAL D 111 -13.67 -12.00 -14.96
C VAL D 111 -13.30 -10.63 -15.50
N LEU D 112 -12.29 -10.00 -14.91
CA LEU D 112 -11.85 -8.69 -15.38
C LEU D 112 -11.24 -8.79 -16.77
N VAL D 113 -10.57 -9.90 -17.07
CA VAL D 113 -10.03 -10.10 -18.42
C VAL D 113 -11.15 -10.17 -19.44
N LEU D 114 -12.21 -10.93 -19.14
CA LEU D 114 -13.36 -11.01 -20.03
C LEU D 114 -14.04 -9.65 -20.18
N LEU D 115 -14.13 -8.91 -19.08
CA LEU D 115 -14.70 -7.56 -19.14
C LEU D 115 -13.86 -6.66 -20.03
N SER D 116 -12.53 -6.76 -19.94
CA SER D 116 -11.66 -5.99 -20.80
C SER D 116 -11.85 -6.34 -22.26
N PHE D 117 -11.96 -7.64 -22.55
CA PHE D 117 -12.21 -8.06 -23.94
C PHE D 117 -13.53 -7.50 -24.45
N ALA D 118 -14.59 -7.60 -23.64
CA ALA D 118 -15.90 -7.11 -24.05
C ALA D 118 -15.87 -5.60 -24.29
N LEU D 119 -15.22 -4.85 -23.39
CA LEU D 119 -15.12 -3.41 -23.56
C LEU D 119 -14.33 -3.06 -24.81
N SER D 120 -13.21 -3.73 -25.03
CA SER D 120 -12.35 -3.38 -26.17
C SER D 120 -13.02 -3.71 -27.49
N GLU D 121 -13.82 -4.77 -27.53
CA GLU D 121 -14.41 -5.18 -28.80
C GLU D 121 -15.76 -4.54 -29.07
N TRP D 122 -16.59 -4.35 -28.05
CA TRP D 122 -17.98 -3.95 -28.26
C TRP D 122 -18.34 -2.59 -27.68
N VAL D 123 -17.75 -2.18 -26.56
CA VAL D 123 -18.19 -1.01 -25.83
C VAL D 123 -17.30 0.20 -26.12
N VAL D 124 -15.99 0.05 -25.96
CA VAL D 124 -15.08 1.19 -26.14
C VAL D 124 -15.14 1.79 -27.53
N PRO D 125 -15.11 1.01 -28.62
CA PRO D 125 -15.19 1.64 -29.95
C PRO D 125 -16.47 2.42 -30.18
N TYR D 126 -17.58 2.01 -29.59
CA TYR D 126 -18.85 2.72 -29.77
C TYR D 126 -18.95 3.96 -28.90
N THR D 127 -18.64 3.84 -27.61
CA THR D 127 -18.77 4.98 -26.71
C THR D 127 -17.74 6.06 -27.01
N ASN D 128 -16.57 5.67 -27.53
CA ASN D 128 -15.59 6.67 -27.96
C ASN D 128 -16.14 7.53 -29.09
N GLU D 129 -16.85 6.90 -30.03
CA GLU D 129 -17.49 7.67 -31.10
C GLU D 129 -18.57 8.59 -30.53
N ARG D 130 -19.33 8.10 -29.56
CA ARG D 130 -20.36 8.93 -28.93
C ARG D 130 -19.74 10.10 -28.17
N ALA D 131 -18.62 9.84 -27.47
CA ALA D 131 -17.96 10.91 -26.72
C ALA D 131 -17.43 12.00 -27.64
N ASN D 132 -16.83 11.61 -28.76
CA ASN D 132 -16.31 12.59 -29.70
C ASN D 132 -17.44 13.41 -30.32
N SER D 133 -18.58 12.78 -30.60
CA SER D 133 -19.72 13.50 -31.16
C SER D 133 -20.25 14.54 -30.18
N VAL D 134 -20.26 14.22 -28.89
CA VAL D 134 -20.71 15.17 -27.88
C VAL D 134 -19.80 16.39 -27.86
N LYS D 135 -18.49 16.17 -27.92
CA LYS D 135 -17.53 17.27 -27.96
C LYS D 135 -17.70 18.11 -29.23
N GLU D 145 -14.86 9.46 -44.72
CA GLU D 145 -15.05 10.38 -43.61
C GLU D 145 -13.70 11.02 -43.27
N VAL D 146 -12.73 10.82 -44.16
CA VAL D 146 -11.39 11.35 -44.02
C VAL D 146 -11.12 12.32 -45.16
N ARG D 147 -10.45 13.43 -44.86
CA ARG D 147 -10.12 14.46 -45.84
C ARG D 147 -8.62 14.58 -45.97
N GLY D 148 -8.14 14.70 -47.21
CA GLY D 148 -6.72 14.79 -47.47
C GLY D 148 -5.96 13.54 -47.11
N TYR D 149 -6.50 12.39 -47.48
CA TYR D 149 -5.89 11.10 -47.14
C TYR D 149 -4.79 10.78 -48.13
N TRP D 150 -3.58 10.61 -47.62
CA TRP D 150 -2.42 10.19 -48.41
C TRP D 150 -2.11 8.74 -48.10
N SER D 151 -1.91 7.94 -49.15
CA SER D 151 -1.63 6.52 -48.97
C SER D 151 -0.66 6.06 -50.05
N ARG D 152 0.04 4.97 -49.75
CA ARG D 152 0.94 4.33 -50.69
C ARG D 152 0.51 2.90 -50.91
N GLU D 153 0.43 2.49 -52.17
CA GLU D 153 0.10 1.12 -52.56
C GLU D 153 1.25 0.63 -53.45
N GLY D 154 2.17 -0.13 -52.87
CA GLY D 154 3.33 -0.59 -53.60
C GLY D 154 4.20 0.55 -54.09
N GLN D 155 4.21 0.75 -55.42
CA GLN D 155 4.96 1.83 -56.03
C GLN D 155 4.07 3.01 -56.42
N ARG D 156 2.80 3.00 -56.04
CA ARG D 156 1.87 4.06 -56.39
C ARG D 156 1.53 4.88 -55.15
N PHE D 157 1.24 6.17 -55.37
CA PHE D 157 0.88 7.08 -54.30
C PHE D 157 -0.48 7.69 -54.63
N ILE D 158 -1.44 7.53 -53.72
CA ILE D 158 -2.81 7.97 -53.92
C ILE D 158 -3.13 9.04 -52.89
N TYR D 159 -3.51 10.23 -53.36
CA TYR D 159 -3.96 11.31 -52.49
C TYR D 159 -5.42 11.58 -52.82
N VAL D 160 -6.31 11.28 -51.89
CA VAL D 160 -7.74 11.52 -52.07
C VAL D 160 -8.13 12.68 -51.18
N ASP D 161 -8.61 13.76 -51.78
CA ASP D 161 -8.96 14.95 -51.01
C ASP D 161 -10.14 14.67 -50.09
N TYR D 162 -11.13 13.93 -50.57
CA TYR D 162 -12.27 13.54 -49.74
C TYR D 162 -12.58 12.07 -49.97
N ALA D 163 -12.69 11.31 -48.88
CA ALA D 163 -13.07 9.91 -48.93
C ALA D 163 -14.22 9.68 -47.96
N ASN D 164 -15.26 8.99 -48.41
CA ASN D 164 -16.46 8.76 -47.63
C ASN D 164 -16.65 7.28 -47.37
N SER D 165 -17.27 6.97 -46.23
CA SER D 165 -17.52 5.57 -45.87
C SER D 165 -18.50 4.89 -46.79
N GLN D 166 -19.36 5.65 -47.47
CA GLN D 166 -20.35 5.08 -48.39
C GLN D 166 -19.79 4.83 -49.78
N GLY D 167 -18.53 5.19 -50.03
CA GLY D 167 -17.92 4.96 -51.33
C GLY D 167 -17.91 6.17 -52.23
N GLN D 168 -17.53 7.33 -51.69
CA GLN D 168 -17.42 8.56 -52.44
C GLN D 168 -15.99 9.06 -52.38
N LEU D 169 -15.45 9.45 -53.54
CA LEU D 169 -14.11 10.00 -53.64
C LEU D 169 -14.17 11.33 -54.36
N LYS D 170 -13.52 12.34 -53.79
CA LYS D 170 -13.49 13.68 -54.36
C LYS D 170 -12.04 14.13 -54.49
N ARG D 171 -11.66 14.53 -55.71
CA ARG D 171 -10.33 15.05 -56.02
C ARG D 171 -9.23 14.04 -55.70
N ILE D 172 -9.30 12.91 -56.40
CA ILE D 172 -8.29 11.86 -56.28
C ILE D 172 -7.13 12.17 -57.22
N GLN D 173 -5.92 11.86 -56.78
CA GLN D 173 -4.72 12.01 -57.61
C GLN D 173 -3.84 10.80 -57.35
N VAL D 174 -3.63 9.98 -58.37
CA VAL D 174 -2.84 8.76 -58.26
C VAL D 174 -1.62 8.91 -59.15
N VAL D 175 -0.45 8.74 -58.56
CA VAL D 175 0.83 8.85 -59.24
C VAL D 175 1.53 7.50 -59.19
N ASP D 176 1.84 6.94 -60.36
CA ASP D 176 2.46 5.63 -60.44
C ASP D 176 3.98 5.75 -60.55
N PHE D 177 4.66 4.66 -60.24
CA PHE D 177 6.11 4.61 -60.30
C PHE D 177 6.55 3.17 -60.61
N ASP D 178 7.79 3.05 -61.07
CA ASP D 178 8.41 1.77 -61.34
C ASP D 178 9.56 1.54 -60.36
N ASP D 179 10.29 0.45 -60.56
CA ASP D 179 11.44 0.15 -59.71
C ASP D 179 12.53 1.21 -59.85
N ASN D 180 12.59 1.91 -60.97
CA ASN D 180 13.54 3.00 -61.18
C ASN D 180 13.05 4.33 -60.65
N TYR D 181 11.84 4.37 -60.09
CA TYR D 181 11.24 5.58 -59.54
C TYR D 181 11.14 6.69 -60.60
N ARG D 182 10.41 6.36 -61.66
CA ARG D 182 10.15 7.30 -62.75
C ARG D 182 8.64 7.45 -62.91
N LEU D 183 8.21 8.67 -63.22
CA LEU D 183 6.79 8.92 -63.42
C LEU D 183 6.23 8.08 -64.56
N LYS D 184 5.09 7.45 -64.31
CA LYS D 184 4.40 6.67 -65.33
C LYS D 184 3.03 7.26 -65.67
N SER D 185 2.19 7.51 -64.67
CA SER D 185 0.87 8.06 -64.92
C SER D 185 0.44 8.90 -63.73
N VAL D 186 -0.06 10.10 -64.01
CA VAL D 186 -0.63 10.96 -62.98
C VAL D 186 -2.10 11.17 -63.31
N THR D 187 -2.97 10.34 -62.74
CA THR D 187 -4.39 10.38 -63.05
C THR D 187 -5.15 11.16 -61.98
N ASN D 188 -6.12 11.96 -62.42
CA ASN D 188 -6.92 12.79 -61.53
C ASN D 188 -8.39 12.65 -61.88
N ALA D 189 -9.24 12.92 -60.91
CA ALA D 189 -10.69 12.89 -61.11
C ALA D 189 -11.35 13.83 -60.11
N GLU D 190 -12.58 14.24 -60.44
CA GLU D 190 -13.36 15.11 -59.56
C GLU D 190 -14.31 14.34 -58.65
N GLN D 191 -15.03 13.35 -59.20
CA GLN D 191 -15.93 12.52 -58.41
C GLN D 191 -15.72 11.07 -58.78
N GLY D 192 -15.90 10.19 -57.79
CA GLY D 192 -15.73 8.77 -58.00
C GLY D 192 -16.54 7.97 -57.00
N GLN D 193 -16.93 6.77 -57.42
CA GLN D 193 -17.70 5.85 -56.60
C GLN D 193 -17.02 4.49 -56.55
N PHE D 194 -17.32 3.76 -55.48
CA PHE D 194 -16.77 2.43 -55.24
C PHE D 194 -17.82 1.38 -55.60
N VAL D 195 -17.43 0.43 -56.44
CA VAL D 195 -18.34 -0.64 -56.90
C VAL D 195 -17.85 -2.01 -56.45
N LYS D 196 -16.56 -2.28 -56.60
CA LYS D 196 -15.99 -3.58 -56.23
C LYS D 196 -14.54 -3.38 -55.83
N ASP D 197 -14.01 -4.37 -55.12
CA ASP D 197 -12.59 -4.33 -54.73
C ASP D 197 -11.71 -4.37 -55.97
N GLY D 198 -10.73 -3.49 -56.02
CA GLY D 198 -9.81 -3.43 -57.15
C GLY D 198 -10.28 -2.63 -58.33
N GLN D 199 -11.41 -1.93 -58.22
CA GLN D 199 -11.88 -1.08 -59.31
C GLN D 199 -12.81 -0.02 -58.76
N TRP D 200 -12.64 1.22 -59.20
CA TRP D 200 -13.47 2.34 -58.78
C TRP D 200 -13.93 3.11 -60.02
N LEU D 201 -15.22 3.39 -60.10
CA LEU D 201 -15.73 4.23 -61.18
C LEU D 201 -15.46 5.69 -60.85
N LEU D 202 -15.33 6.51 -61.89
CA LEU D 202 -15.04 7.93 -61.66
C LEU D 202 -15.33 8.71 -62.92
N ASN D 203 -15.52 10.02 -62.74
CA ASN D 203 -15.74 10.95 -63.83
C ASN D 203 -14.55 11.91 -63.95
N HIS D 204 -14.45 12.54 -65.11
CA HIS D 204 -13.33 13.44 -65.42
C HIS D 204 -11.99 12.72 -65.26
N SER D 205 -11.83 11.64 -66.03
CA SER D 205 -10.66 10.78 -65.93
C SER D 205 -9.50 11.41 -66.70
N GLN D 206 -8.78 12.29 -66.01
CA GLN D 206 -7.62 12.97 -66.58
C GLN D 206 -6.37 12.15 -66.26
N GLN D 207 -6.10 11.16 -67.11
CA GLN D 207 -4.97 10.25 -66.91
C GLN D 207 -3.81 10.70 -67.78
N MET D 208 -2.67 11.01 -67.15
CA MET D 208 -1.46 11.35 -67.87
C MET D 208 -0.67 10.08 -68.19
N ALA D 209 0.19 10.17 -69.20
CA ALA D 209 0.99 9.03 -69.61
C ALA D 209 2.41 9.49 -69.92
N ILE D 210 3.39 8.69 -69.52
CA ILE D 210 4.78 9.00 -69.78
C ILE D 210 5.45 7.88 -70.56
N PHE D 226 -10.23 2.77 -63.00
CA PHE D 226 -8.99 1.99 -62.91
C PHE D 226 -8.91 1.25 -61.59
N SER D 227 -7.76 0.61 -61.36
CA SER D 227 -7.59 -0.25 -60.19
C SER D 227 -6.87 0.49 -59.08
N LEU D 228 -7.45 0.44 -57.88
CA LEU D 228 -6.82 0.99 -56.68
C LEU D 228 -7.31 0.19 -55.49
N ALA D 229 -6.40 -0.01 -54.51
CA ALA D 229 -6.66 -0.93 -53.42
C ALA D 229 -7.38 -0.30 -52.24
N LEU D 230 -7.67 1.00 -52.29
CA LEU D 230 -8.37 1.64 -51.19
C LEU D 230 -9.78 1.06 -51.04
N GLN D 231 -10.19 0.84 -49.80
CA GLN D 231 -11.49 0.27 -49.49
C GLN D 231 -12.25 1.20 -48.55
N PRO D 232 -13.52 1.49 -48.83
CA PRO D 232 -14.27 2.38 -47.93
C PRO D 232 -14.41 1.86 -46.51
N LYS D 233 -14.43 0.53 -46.32
CA LYS D 233 -14.68 -0.03 -45.00
C LYS D 233 -13.64 0.45 -43.99
N TYR D 234 -12.39 0.62 -44.42
CA TYR D 234 -11.33 1.08 -43.54
C TYR D 234 -11.13 2.58 -43.56
N VAL D 235 -11.91 3.32 -44.37
CA VAL D 235 -11.71 4.75 -44.48
C VAL D 235 -11.92 5.44 -43.13
N HIS D 236 -12.93 5.02 -42.38
CA HIS D 236 -13.18 5.62 -41.08
C HIS D 236 -12.09 5.29 -40.06
N MET D 237 -11.25 4.30 -40.34
CA MET D 237 -10.19 3.93 -39.42
C MET D 237 -8.91 4.75 -39.58
N VAL D 238 -8.80 5.54 -40.65
CA VAL D 238 -7.58 6.29 -40.89
C VAL D 238 -7.41 7.39 -39.85
N THR D 239 -8.47 8.15 -39.58
CA THR D 239 -8.37 9.25 -38.62
C THR D 239 -8.20 8.73 -37.19
N ILE D 240 -8.78 7.57 -36.88
CA ILE D 240 -8.70 7.02 -35.53
C ILE D 240 -7.27 6.59 -35.24
N ASP D 241 -6.78 6.96 -34.06
CA ASP D 241 -5.45 6.56 -33.66
C ASP D 241 -5.37 5.05 -33.49
N PRO D 242 -4.20 4.43 -33.73
CA PRO D 242 -4.10 2.97 -33.60
C PRO D 242 -4.44 2.47 -32.20
N GLU D 243 -4.16 3.25 -31.16
CA GLU D 243 -4.48 2.83 -29.80
C GLU D 243 -5.99 2.77 -29.58
N ASP D 244 -6.73 3.67 -30.22
CA ASP D 244 -8.18 3.75 -30.03
C ASP D 244 -8.95 2.73 -30.85
N LEU D 245 -8.30 2.02 -31.76
CA LEU D 245 -8.98 1.04 -32.59
C LEU D 245 -9.19 -0.25 -31.81
N SER D 246 -10.37 -0.86 -32.01
CA SER D 246 -10.64 -2.16 -31.42
C SER D 246 -9.76 -3.23 -32.06
N PHE D 247 -9.61 -4.35 -31.36
CA PHE D 247 -8.69 -5.39 -31.83
C PHE D 247 -9.10 -5.94 -33.19
N SER D 248 -10.40 -6.19 -33.39
CA SER D 248 -10.86 -6.71 -34.68
C SER D 248 -10.60 -5.70 -35.79
N GLN D 249 -10.92 -4.43 -35.55
CA GLN D 249 -10.66 -3.39 -36.54
C GLN D 249 -9.16 -3.25 -36.79
N LEU D 250 -8.36 -3.30 -35.73
CA LEU D 250 -6.91 -3.17 -35.89
C LEU D 250 -6.35 -4.31 -36.73
N VAL D 251 -6.79 -5.54 -36.45
CA VAL D 251 -6.29 -6.70 -37.21
C VAL D 251 -6.72 -6.62 -38.66
N SER D 252 -7.98 -6.27 -38.92
CA SER D 252 -8.45 -6.17 -40.30
C SER D 252 -7.70 -5.09 -41.07
N PHE D 253 -7.58 -3.92 -40.44
CA PHE D 253 -6.92 -2.78 -41.11
C PHE D 253 -5.46 -3.10 -41.29
N MET D 254 -4.82 -3.62 -40.24
CA MET D 254 -3.38 -3.91 -40.31
C MET D 254 -3.20 -4.98 -41.38
N ASN D 255 -4.09 -5.97 -41.44
CA ASN D 255 -4.00 -7.01 -42.49
C ASN D 255 -4.12 -6.35 -43.88
N TYR D 256 -5.09 -5.46 -44.07
CA TYR D 256 -5.24 -4.72 -45.35
C TYR D 256 -3.94 -4.00 -45.68
N MET D 257 -3.38 -3.25 -44.76
CA MET D 257 -2.18 -2.46 -45.10
C MET D 257 -1.04 -3.42 -45.41
N ARG D 258 -0.87 -4.50 -44.66
CA ARG D 258 0.28 -5.39 -44.88
C ARG D 258 0.15 -6.00 -46.27
N GLU D 259 -1.09 -6.25 -46.68
CA GLU D 259 -1.34 -6.80 -48.04
C GLU D 259 -0.99 -5.77 -49.10
N TYR D 260 -1.48 -4.54 -48.95
CA TYR D 260 -1.26 -3.56 -50.04
C TYR D 260 -0.13 -2.58 -49.74
N SER D 261 0.32 -2.51 -48.49
CA SER D 261 1.29 -1.48 -48.13
C SER D 261 2.18 -2.02 -47.00
N GLN D 262 2.88 -1.09 -46.33
CA GLN D 262 3.70 -1.41 -45.18
C GLN D 262 3.04 -0.87 -43.93
N VAL D 263 2.89 -1.72 -42.91
CA VAL D 263 2.22 -1.32 -41.68
C VAL D 263 3.16 -0.43 -40.87
N PRO D 264 2.68 0.70 -40.35
CA PRO D 264 3.55 1.56 -39.54
C PRO D 264 3.90 0.90 -38.22
N LYS D 265 4.97 1.40 -37.60
CA LYS D 265 5.42 0.83 -36.33
C LYS D 265 4.45 1.11 -35.20
N THR D 266 3.75 2.25 -35.25
CA THR D 266 2.80 2.57 -34.20
C THR D 266 1.61 1.61 -34.21
N TYR D 267 1.19 1.17 -35.39
CA TYR D 267 0.14 0.16 -35.46
C TYR D 267 0.60 -1.15 -34.84
N GLN D 268 1.83 -1.56 -35.14
CA GLN D 268 2.37 -2.78 -34.55
C GLN D 268 2.45 -2.67 -33.03
N LEU D 269 2.85 -1.50 -32.53
CA LEU D 269 2.87 -1.28 -31.09
C LEU D 269 1.46 -1.42 -30.50
N ALA D 270 0.46 -0.83 -31.16
CA ALA D 270 -0.90 -0.92 -30.66
C ALA D 270 -1.39 -2.36 -30.64
N PHE D 271 -1.08 -3.12 -31.71
CA PHE D 271 -1.49 -4.52 -31.78
C PHE D 271 -0.84 -5.35 -30.68
N TRP D 272 0.46 -5.16 -30.47
CA TRP D 272 1.14 -5.94 -29.44
C TRP D 272 0.71 -5.51 -28.05
N LYS D 273 0.31 -4.26 -27.88
CA LYS D 273 -0.20 -3.79 -26.60
C LYS D 273 -1.59 -4.32 -26.31
N LYS D 274 -2.42 -4.47 -27.34
CA LYS D 274 -3.76 -5.00 -27.12
C LYS D 274 -3.77 -6.51 -26.97
N VAL D 275 -2.92 -7.22 -27.73
CA VAL D 275 -2.90 -8.67 -27.64
C VAL D 275 -2.24 -9.14 -26.34
N ALA D 276 -1.46 -8.28 -25.69
CA ALA D 276 -0.80 -8.62 -24.45
C ALA D 276 -1.43 -7.94 -23.24
N SER D 277 -2.66 -7.44 -23.39
CA SER D 277 -3.36 -6.80 -22.28
C SER D 277 -3.89 -7.82 -21.28
N PRO D 278 -4.59 -8.89 -21.70
CA PRO D 278 -4.96 -9.91 -20.71
C PRO D 278 -3.77 -10.56 -20.04
N PHE D 279 -2.69 -10.79 -20.80
CA PHE D 279 -1.47 -11.35 -20.20
C PHE D 279 -0.86 -10.38 -19.20
N ALA D 280 -0.87 -9.08 -19.52
CA ALA D 280 -0.38 -8.09 -18.57
C ALA D 280 -1.22 -8.07 -17.30
N LEU D 281 -2.54 -8.17 -17.45
CA LEU D 281 -3.42 -8.19 -16.28
C LEU D 281 -3.14 -9.41 -15.41
N ILE D 282 -3.02 -10.58 -16.04
CA ILE D 282 -2.77 -11.82 -15.28
C ILE D 282 -1.42 -11.74 -14.59
N THR D 283 -0.40 -11.23 -15.29
CA THR D 283 0.93 -11.11 -14.70
C THR D 283 0.93 -10.13 -13.55
N LEU D 284 0.20 -9.02 -13.67
CA LEU D 284 0.12 -8.06 -12.57
C LEU D 284 -0.59 -8.67 -11.37
N VAL D 285 -1.64 -9.45 -11.60
CA VAL D 285 -2.31 -10.14 -10.50
C VAL D 285 -1.37 -11.13 -9.83
N LEU D 286 -0.60 -11.87 -10.62
CA LEU D 286 0.37 -12.81 -10.05
C LEU D 286 1.43 -12.08 -9.24
N VAL D 287 1.88 -10.92 -9.73
CA VAL D 287 2.86 -10.12 -8.98
C VAL D 287 2.26 -9.65 -7.67
N ALA D 288 1.00 -9.23 -7.68
CA ALA D 288 0.32 -8.84 -6.45
C ALA D 288 0.26 -10.00 -5.46
N CYS D 289 -0.08 -11.20 -5.95
CA CYS D 289 -0.14 -12.36 -5.07
C CYS D 289 1.24 -12.68 -4.50
N SER D 290 2.28 -12.62 -5.34
CA SER D 290 3.63 -12.90 -4.86
C SER D 290 4.07 -11.86 -3.82
N PHE D 291 3.71 -10.60 -4.03
CA PHE D 291 4.03 -9.57 -3.05
C PHE D 291 3.32 -9.83 -1.73
N ILE D 292 2.04 -10.22 -1.79
CA ILE D 292 1.31 -10.52 -0.56
C ILE D 292 1.95 -11.70 0.17
N PHE D 293 2.30 -12.75 -0.56
CA PHE D 293 2.97 -13.91 0.04
C PHE D 293 4.43 -13.64 0.35
N GLY D 294 5.00 -12.55 -0.14
CA GLY D 294 6.40 -12.27 0.03
C GLY D 294 6.67 -11.00 0.83
N PRO D 295 7.15 -9.97 0.16
CA PRO D 295 7.56 -8.74 0.87
C PRO D 295 6.42 -8.08 1.65
N LEU D 296 5.20 -8.10 1.13
CA LEU D 296 4.08 -7.41 1.76
C LEU D 296 3.36 -8.27 2.78
N ARG D 297 4.01 -9.30 3.31
CA ARG D 297 3.43 -10.14 4.34
C ARG D 297 3.66 -9.49 5.70
N GLN D 298 2.62 -9.51 6.54
CA GLN D 298 2.56 -8.92 7.88
C GLN D 298 2.52 -7.39 7.83
N GLN D 299 2.54 -6.78 6.65
CA GLN D 299 2.45 -5.34 6.56
C GLN D 299 1.01 -4.87 6.75
N SER D 300 0.87 -3.58 7.06
CA SER D 300 -0.46 -3.01 7.28
C SER D 300 -1.22 -2.90 5.97
N MET D 301 -2.54 -2.80 6.09
CA MET D 301 -3.39 -2.69 4.91
C MET D 301 -3.11 -1.39 4.15
N GLY D 302 -2.89 -0.30 4.88
CA GLY D 302 -2.57 0.96 4.22
C GLY D 302 -1.26 0.89 3.45
N PHE D 303 -0.25 0.26 4.04
CA PHE D 303 1.03 0.10 3.34
C PHE D 303 0.87 -0.78 2.12
N ARG D 304 0.06 -1.84 2.22
CA ARG D 304 -0.18 -2.70 1.06
C ARG D 304 -0.88 -1.92 -0.05
N LEU D 305 -1.86 -1.08 0.31
CA LEU D 305 -2.55 -0.27 -0.69
C LEU D 305 -1.61 0.74 -1.33
N VAL D 306 -0.73 1.35 -0.53
CA VAL D 306 0.23 2.32 -1.08
C VAL D 306 1.20 1.63 -2.03
N ILE D 307 1.69 0.45 -1.65
CA ILE D 307 2.60 -0.29 -2.52
C ILE D 307 1.89 -0.73 -3.79
N ALA D 308 0.61 -1.11 -3.67
CA ALA D 308 -0.16 -1.47 -4.86
C ALA D 308 -0.32 -0.28 -5.80
N LEU D 309 -0.58 0.90 -5.24
CA LEU D 309 -0.65 2.11 -6.06
C LEU D 309 0.68 2.41 -6.74
N PHE D 310 1.79 2.25 -6.00
CA PHE D 310 3.10 2.48 -6.59
C PHE D 310 3.39 1.50 -7.71
N ILE D 311 3.05 0.22 -7.52
CA ILE D 311 3.26 -0.79 -8.56
C ILE D 311 2.38 -0.49 -9.77
N GLY D 312 1.15 -0.06 -9.54
CA GLY D 312 0.28 0.28 -10.66
C GLY D 312 0.79 1.46 -11.46
N LEU D 313 1.24 2.51 -10.76
CA LEU D 313 1.82 3.67 -11.45
C LEU D 313 3.09 3.27 -12.19
N GLY D 314 3.93 2.44 -11.57
CA GLY D 314 5.13 1.98 -12.24
C GLY D 314 4.83 1.17 -13.48
N PHE D 315 3.81 0.33 -13.42
CA PHE D 315 3.42 -0.45 -14.59
C PHE D 315 2.87 0.44 -15.69
N TYR D 316 1.98 1.38 -15.34
CA TYR D 316 1.40 2.30 -16.31
C TYR D 316 2.42 3.25 -16.90
N TYR D 317 3.51 3.52 -16.20
CA TYR D 317 4.60 4.32 -16.73
C TYR D 317 5.58 3.50 -17.57
N LEU D 318 5.92 2.29 -17.12
CA LEU D 318 6.83 1.45 -17.87
C LEU D 318 6.24 1.04 -19.21
N GLN D 319 4.96 0.64 -19.22
CA GLN D 319 4.34 0.23 -20.46
C GLN D 319 4.24 1.40 -21.44
N ASP D 320 3.89 2.58 -20.94
CA ASP D 320 3.79 3.76 -21.81
C ASP D 320 5.16 4.16 -22.34
N PHE D 321 6.16 4.20 -21.47
CA PHE D 321 7.51 4.61 -21.89
C PHE D 321 8.08 3.62 -22.89
N LEU D 322 7.89 2.32 -22.67
CA LEU D 322 8.44 1.34 -23.59
C LEU D 322 7.66 1.29 -24.90
N GLY D 323 6.35 1.57 -24.85
CA GLY D 323 5.61 1.73 -26.09
C GLY D 323 6.11 2.90 -26.91
N TYR D 324 6.38 4.03 -26.24
CA TYR D 324 6.94 5.19 -26.94
C TYR D 324 8.34 4.89 -27.47
N ALA D 325 9.14 4.15 -26.70
CA ALA D 325 10.50 3.82 -27.11
C ALA D 325 10.51 2.85 -28.28
N SER D 326 9.50 1.98 -28.38
CA SER D 326 9.41 1.08 -29.52
C SER D 326 9.24 1.86 -30.82
N LEU D 327 8.63 3.03 -30.76
CA LEU D 327 8.43 3.85 -31.95
C LEU D 327 9.68 4.65 -32.33
N VAL D 328 10.71 4.65 -31.50
CA VAL D 328 11.92 5.41 -31.77
C VAL D 328 13.15 4.51 -31.91
N TYR D 329 13.08 3.25 -31.50
CA TYR D 329 14.22 2.35 -31.53
C TYR D 329 13.99 1.23 -32.55
N ASN D 330 15.09 0.68 -33.04
CA ASN D 330 15.02 -0.37 -34.06
C ASN D 330 14.24 -1.62 -33.63
N PRO D 331 14.40 -2.17 -32.43
CA PRO D 331 13.72 -3.44 -32.12
C PRO D 331 12.22 -3.34 -32.25
N SER D 332 11.60 -4.47 -32.62
CA SER D 332 10.16 -4.51 -32.85
C SER D 332 9.41 -4.21 -31.55
N PRO D 333 8.22 -3.62 -31.65
CA PRO D 333 7.44 -3.32 -30.43
C PRO D 333 7.05 -4.57 -29.66
N ALA D 334 7.08 -5.74 -30.29
CA ALA D 334 6.79 -6.98 -29.56
C ALA D 334 7.72 -7.15 -28.39
N TRP D 335 9.01 -6.86 -28.58
CA TRP D 335 9.97 -6.95 -27.49
C TRP D 335 9.63 -5.97 -26.37
N PHE D 336 9.38 -4.70 -26.73
CA PHE D 336 9.13 -3.69 -25.71
C PHE D 336 7.81 -3.93 -24.98
N VAL D 337 6.89 -4.68 -25.58
CA VAL D 337 5.61 -4.94 -24.93
C VAL D 337 5.65 -6.21 -24.10
N LEU D 338 6.27 -7.28 -24.61
CA LEU D 338 6.31 -8.56 -23.92
C LEU D 338 7.52 -8.70 -23.01
N GLY D 339 8.38 -7.68 -22.93
CA GLY D 339 9.47 -7.69 -21.99
C GLY D 339 9.04 -7.47 -20.56
N PRO D 340 8.36 -6.35 -20.30
CA PRO D 340 7.86 -6.12 -18.93
C PRO D 340 6.96 -7.23 -18.43
N ILE D 341 6.08 -7.75 -19.28
CA ILE D 341 5.13 -8.78 -18.83
C ILE D 341 5.86 -10.06 -18.46
N VAL D 342 6.77 -10.51 -19.33
CA VAL D 342 7.51 -11.75 -19.05
C VAL D 342 8.41 -11.57 -17.84
N LEU D 343 9.09 -10.43 -17.74
CA LEU D 343 9.97 -10.19 -16.61
C LEU D 343 9.20 -10.12 -15.29
N MET D 344 8.04 -9.46 -15.29
CA MET D 344 7.24 -9.40 -14.07
C MET D 344 6.68 -10.77 -13.71
N PHE D 345 6.30 -11.56 -14.72
CA PHE D 345 5.85 -12.92 -14.45
C PHE D 345 6.96 -13.75 -13.82
N VAL D 346 8.18 -13.63 -14.35
CA VAL D 346 9.31 -14.37 -13.80
C VAL D 346 9.61 -13.92 -12.37
N ALA D 347 9.56 -12.61 -12.13
CA ALA D 347 9.81 -12.10 -10.78
C ALA D 347 8.74 -12.59 -9.80
N GLY D 348 7.47 -12.58 -10.22
CA GLY D 348 6.42 -13.08 -9.35
C GLY D 348 6.55 -14.57 -9.08
N SER D 349 6.91 -15.34 -10.12
CA SER D 349 7.12 -16.77 -9.92
C SER D 349 8.28 -17.04 -8.96
N TYR D 350 9.35 -16.26 -9.08
CA TYR D 350 10.48 -16.43 -8.16
C TYR D 350 10.09 -16.05 -6.73
N LEU D 351 9.35 -14.95 -6.56
CA LEU D 351 8.90 -14.57 -5.23
C LEU D 351 7.97 -15.61 -4.63
N LEU D 352 7.11 -16.23 -5.45
CA LEU D 352 6.26 -17.30 -4.97
C LEU D 352 7.07 -18.55 -4.62
N TYR D 353 8.15 -18.81 -5.36
CA TYR D 353 9.01 -19.95 -5.05
C TYR D 353 9.69 -19.76 -3.70
N ARG D 354 10.05 -18.53 -3.36
CA ARG D 354 10.61 -18.25 -2.04
C ARG D 354 9.58 -18.36 -0.93
N ALA D 355 8.30 -18.49 -1.27
CA ALA D 355 7.21 -18.65 -0.31
C ALA D 355 7.12 -17.48 0.66
C4 WJW E . -0.59 23.48 -6.41
C5 WJW E . -0.18 24.20 -7.69
C6 WJW E . -0.97 23.77 -8.90
C7 WJW E . -0.82 22.30 -9.24
C8 WJW E . 0.54 21.95 -9.83
C3 WJW E . 0.04 24.05 -5.15
C1 WJW E . 0.19 25.98 -3.53
C2 WJW E . -0.42 25.46 -4.81
OB1 WJW E . -2.05 17.09 -21.11
CB2 WJW E . -1.78 18.48 -20.94
CB3 WJW E . -1.46 19.03 -22.31
CD1 WJW E . -7.32 19.64 -24.63
CD2 WJW E . -7.42 20.68 -23.51
OD3 WJW E . -8.40 20.27 -22.56
OE1 WJW E . -2.34 14.38 -27.86
OE2 WJW E . -1.91 15.33 -29.82
CE3 WJW E . -4.15 17.20 -29.40
C10 WJW E . 2.02 21.90 -11.88
C11 WJW E . 2.00 21.87 -13.41
C12 WJW E . 1.15 20.78 -13.97
C14 WJW E . 0.98 18.35 -14.14
C15 WJW E . 1.10 18.36 -15.66
C16 WJW E . -0.15 18.51 -16.47
C18 WJW E . -1.12 18.04 -18.59
C19 WJW E . -1.58 16.60 -18.78
C21 WJW E . -1.79 14.96 -16.97
C22 WJW E . -2.47 14.62 -15.67
C23 WJW E . -2.20 13.24 -15.08
C25 WJW E . 0.10 13.84 -14.49
C26 WJW E . 1.51 13.33 -14.57
C27 WJW E . 1.80 12.28 -13.50
C29 WJW E . 0.97 12.51 -12.24
C30 WJW E . 1.17 11.48 -11.13
C31 WJW E . -0.14 10.90 -10.62
C32 WJW E . -0.04 10.30 -9.22
C33 WJW E . 0.46 11.29 -8.18
C34 WJW E . 0.33 10.80 -6.75
C35 WJW E . 0.87 11.79 -5.72
C36 WJW E . 0.58 11.40 -4.29
C37 WJW E . -0.89 11.32 -3.99
C39 WJW E . -2.77 12.93 -13.70
C40 WJW E . -2.79 14.05 -12.67
C41 WJW E . -3.49 13.65 -11.38
C42 WJW E . -3.18 14.52 -10.18
C43 WJW E . -1.78 14.32 -9.62
C44 WJW E . -1.54 15.05 -8.31
C45 WJW E . -2.44 14.58 -7.16
C51 WJW E . -2.57 16.48 -19.94
C53 WJW E . -3.97 14.93 -21.07
C54 WJW E . -4.80 13.82 -20.48
C55 WJW E . -5.25 14.20 -19.06
C57 WJW E . -5.87 13.01 -18.35
C59 WJW E . -7.14 14.06 -16.65
C60 WJW E . -7.13 14.47 -15.20
C61 WJW E . -7.03 15.98 -15.00
C63 WJW E . -7.15 16.41 -13.55
C64 WJW E . -6.09 15.83 -12.63
C65 WJW E . -6.63 15.44 -11.26
C66 WJW E . -7.20 16.60 -10.46
C67 WJW E . -7.69 16.21 -9.07
C73 WJW E . -4.93 11.81 -18.41
C75 WJW E . -4.79 9.62 -17.34
C76 WJW E . -5.57 8.46 -16.75
C77 WJW E . -5.64 8.65 -15.25
C79 WJW E . -5.25 6.40 -14.51
C80 WJW E . -5.91 5.18 -13.93
C81 WJW E . -5.50 4.93 -12.48
C82 WJW E . -5.91 6.05 -11.54
C83 WJW E . -7.41 6.27 -11.46
C84 WJW E . -7.82 7.37 -10.51
C85 WJW E . -7.33 7.17 -9.08
C9 WJW E . 0.66 22.26 -11.31
C92 WJW E . -6.62 9.75 -14.87
C93 WJW E . -6.12 10.67 -13.76
C94 WJW E . -6.26 10.08 -12.37
C95 WJW E . -5.78 11.00 -11.26
C96 WJW E . -5.80 10.37 -9.88
C97 WJW E . -5.24 11.26 -8.78
CA4 WJW E . -4.56 11.53 -19.86
CB5 WJW E . -2.46 19.04 -24.49
CB6 WJW E . -1.84 20.43 -24.68
CB9 WJW E . -3.86 18.93 -25.05
CC0 WJW E . -4.39 17.52 -25.02
CC2 WJW E . -6.85 17.29 -24.91
CC3 WJW E . -6.65 16.05 -24.01
CC6 WJW E . -8.01 17.10 -25.86
CC7 WJW E . -8.36 18.43 -26.54
CC9 WJW E . -8.56 19.52 -25.50
CD4 WJW E . -7.78 22.06 -24.05
CD7 WJW E . -3.40 16.62 -25.75
CD9 WJW E . -3.39 16.45 -28.33
CE0 WJW E . -2.46 15.28 -28.71
CE4 WJW E . -5.62 17.34 -29.10
CE6 WJW E . -5.72 19.46 -30.27
CE8 WJW E . -5.10 21.48 -29.21
CE9 WJW E . -5.04 22.14 -27.83
CF2 WJW E . -5.92 22.31 -30.19
CG5 WJW E . -6.01 21.58 -31.53
CH8 WJW E . -6.56 20.19 -31.31
CI0 WJW E . -7.63 18.64 -32.89
CI1 WJW E . -7.52 17.94 -34.21
CI3 WJW E . -6.23 15.96 -28.97
CJ6 WJW E . -5.52 15.19 -27.87
CJ7 WJW E . -5.92 13.73 -27.80
CJ9 WJW E . -5.07 12.95 -26.81
CK2 WJW E . -2.06 16.73 -25.04
CK3 WJW E . -0.95 15.81 -25.54
CK5 WJW E . 0.30 15.92 -24.69
CK8 WJW E . -0.68 18.66 -19.91
CL5 WJW E . -0.38 18.23 -13.48
CL6 WJW E . -0.33 18.14 -11.96
CL7 WJW E . -1.57 17.51 -11.35
CL8 WJW E . -2.83 18.33 -11.54
CL9 WJW E . -3.12 19.31 -10.42
CM0 WJW E . -3.56 18.65 -9.14
CM1 WJW E . -4.01 19.62 -8.06
CM2 WJW E . -4.56 18.95 -6.82
CM3 WJW E . -3.56 18.03 -6.14
N20 WJW E . -2.17 16.11 -17.55
N74 WJW E . -5.53 10.64 -17.80
NH9 WJW E . -6.61 19.44 -32.56
O13 WJW E . 1.65 19.56 -13.65
O17 WJW E . 0.01 18.00 -17.69
O24 WJW E . -0.75 12.98 -15.10
O28 WJW E . 1.51 10.99 -14.02
O38 WJW E . -0.23 14.87 -13.95
O50 WJW E . -0.93 14.22 -17.46
O52 WJW E . -2.84 15.14 -20.21
O56 WJW E . -6.19 15.27 -19.16
O58 WJW E . -6.03 13.40 -16.97
O62 WJW E . -5.77 16.44 -15.53
O72 WJW E . -8.04 14.30 -17.41
O78 WJW E . -6.13 7.40 -14.68
O91 WJW E . -4.08 6.49 -14.79
OA3 WJW E . -3.57 9.60 -17.38
OA5 WJW E . -5.65 11.05 -20.63
OA7 WJW E . -5.03 11.30 -23.05
OA8 WJW E . -6.74 9.58 -22.33
OA9 WJW E . -4.30 9.27 -21.74
OB0 WJW E . -3.93 12.67 -20.43
OB4 WJW E . -2.61 18.77 -23.12
OB7 WJW E . -0.70 20.45 -25.21
OB8 WJW E . -2.50 21.41 -24.31
OC1 WJW E . -5.66 17.49 -25.67
OC4 WJW E . -6.61 14.95 -24.60
OC5 WJW E . -6.54 16.24 -22.78
OC8 WJW E . -9.55 18.29 -27.33
OD0 WJW E . -9.70 19.22 -24.69
OD5 WJW E . -6.81 22.52 -24.97
OD6 WJW E . -7.07 18.37 -24.02
OD8 WJW E . -3.35 17.13 -27.07
OE5 WJW E . -6.28 18.19 -30.07
OE7 WJW E . -5.69 20.19 -29.05
OF0 WJW E . -6.14 22.32 -27.25
OF1 WJW E . -3.93 22.47 -27.38
OF3 WJW E . -5.26 23.56 -30.42
OG6 WJW E . -6.83 22.37 -32.40
OI2 WJW E . -8.61 18.49 -32.15
OI4 WJW E . -6.04 15.25 -30.21
OJ8 WJW E . -7.29 13.62 -27.40
OK0 WJW E . -5.17 13.49 -25.50
OK1 WJW E . -4.10 15.26 -28.06
OK4 WJW E . -1.42 14.46 -25.50
OK6 WJW E . 1.25 14.94 -25.04
OK7 WJW E . -1.60 18.10 -25.10
OK9 WJW E . -0.49 20.08 -19.70
OL1 WJW E . 1.84 19.88 -18.79
OL2 WJW E . 1.47 20.64 -21.17
OL3 WJW E . 0.84 22.15 -19.25
OL4 WJW E . -1.16 19.06 -16.11
OM4 WJW E . 0.14 20.95 -14.59
PA6 WJW E . -5.41 10.25 -22.01
PL0 WJW E . 1.01 20.72 -19.73
C02 Y75 F . -4.25 25.04 -16.41
C03 Y75 F . -3.57 23.69 -16.17
C05 Y75 F . -4.67 21.69 -17.03
C06 Y75 F . -3.93 20.38 -17.20
C08 Y75 F . -4.77 19.74 -14.89
C09 Y75 F . -4.42 20.75 -13.83
C10 Y75 F . -5.39 21.37 -13.07
C12 Y75 F . -8.07 21.76 -12.34
C13 Y75 F . -8.12 21.54 -10.97
C15 Y75 F . -9.02 22.19 -10.18
C16 Y75 F . -9.90 23.08 -10.75
C17 Y75 F . -9.87 23.32 -12.12
C18 Y75 F . -10.90 24.26 -12.65
C19 Y75 F . -10.77 25.62 -12.51
C20 Y75 F . -11.80 26.46 -12.86
C21 Y75 F . -12.97 25.90 -13.37
C24 Y75 F . -12.09 23.79 -13.16
C25 Y75 F . -8.94 22.67 -12.95
C26 Y75 F . -8.87 22.90 -14.44
C29 Y75 F . -3.88 22.72 -12.04
C30 Y75 F . -2.84 22.19 -12.74
C31 Y75 F . -3.11 21.18 -13.65
C32 Y75 F . -4.80 19.66 -18.22
C33 Y75 F . -5.03 20.44 -19.51
C34 Y75 F . -3.80 21.24 -19.89
C37 Y75 F . -2.04 23.85 -16.14
C38 Y75 F . -1.49 24.59 -14.95
C39 Y75 F . -0.05 24.96 -15.14
C40 Y75 F . 0.13 25.64 -16.46
C43 Y75 F . -6.56 25.37 -17.09
C44 Y75 F . -5.97 25.34 -14.65
C45 Y75 F . -5.97 26.77 -14.13
C46 Y75 F . -4.60 27.31 -13.87
C47 Y75 F . -3.93 28.25 -14.61
C49 Y75 F . -2.51 27.66 -13.01
C50 Y75 F . -3.70 26.92 -12.83
C51 Y75 F . -3.77 26.02 -11.78
C52 Y75 F . -2.69 25.87 -10.92
C53 Y75 F . -1.54 26.61 -11.11
C54 Y75 F . -1.44 27.51 -12.15
C55 Y75 F . -7.38 24.82 -14.46
N04 Y75 F . -3.94 22.78 -17.24
N07 Y75 F . -3.68 19.67 -15.91
N22 Y75 F . -14.02 26.67 -13.70
N23 Y75 F . -13.11 24.58 -13.52
N27 Y75 F . -7.59 23.54 -14.74
N28 Y75 F . -5.14 22.34 -12.19
N35 Y75 F . -4.07 22.14 -21.03
N41 Y75 F . 1.56 25.87 -16.78
N42 Y75 F . -5.54 25.23 -16.06
N48 Y75 F . -2.69 28.46 -14.10
O01 Y75 F . -3.62 25.90 -16.96
O36 Y75 F . -5.86 21.71 -16.77
O56 Y75 F . -8.25 25.57 -14.05
S11 Y75 F . -7.03 20.78 -13.35
CL14 Y75 F . -7.03 20.40 -10.26
#